data_7RB7
#
_entry.id   7RB7
#
_cell.length_a   125.462
_cell.length_b   125.462
_cell.length_c   130.948
_cell.angle_alpha   90.00
_cell.angle_beta   90.00
_cell.angle_gamma   120.00
#
_symmetry.space_group_name_H-M   'P 31'
#
loop_
_entity.id
_entity.type
_entity.pdbx_description
1 polymer Acetylcholinesterase
2 non-polymer 4,4-DIHYDROXY-N,N,N-TRIMETHYLPENTAN-1-AMINIUM
3 non-polymer "1,1'-methylenebis{4-[(E)-(hydroxyimino)methyl]pyridin-1-ium}"
4 water water
#
_entity_poly.entity_id   1
_entity_poly.type   'polypeptide(L)'
_entity_poly.pdbx_seq_one_letter_code
;GPLEGREDAELLVTVRGGRLRGIRLKTPGGPVSAFLGIPFAEPPMGPRRFLPPEPKQPWSGVVDATTFQSVCYQYVDTLY
PGFEGTEMWNPNRELSEDCLYLNVWTPYPRPTSPTPVLVWIYGGGFYSGASSLDVYDGRFLVQAERTVLVSMNYRVGAFG
FLALPGSREAPGNVGLLDQRLALQWVQENVAAFGGDPTSVTLFGESAGAASVGMHLLSPPSRGLFHRAVLQSGAPNGPWA
TVGMGEARRRATQLAHLVGCPPGGTGGNDTELVACLRTRPAQVLVNHEWHVLPQESVFRFSFVPVVDGDFLSDTPEALIN
AGDFHGLQVLVGVVKDEGSYFLVYGAPGFSKDNESLISRAEFLAGVRVGVPQVSDLAAEAVVLHYTDWLHPEDPARLREA
LSDVVGDHNVVCPVAQLAGRLAAQGARVYAYVFEHRASTLSWPLWMGVPHGYEIEFIFGIPLDPSRNYTAEEKIFAQRLM
RYWANFARTGDPNEPRDPKAPQWPPYTAGAQQYVSLDLRPLEVRRGLRAQACAFWNRFLPKLLSATDTLD
;
_entity_poly.pdbx_strand_id   A,B
#
# COMPACT_ATOMS: atom_id res chain seq x y z
N GLU A 7 24.90 27.48 22.83
CA GLU A 7 23.98 28.59 23.09
C GLU A 7 24.53 29.90 22.52
N ASP A 8 24.35 30.09 21.22
CA ASP A 8 24.67 31.36 20.59
C ASP A 8 23.58 32.38 20.91
N ALA A 9 23.94 33.66 20.80
CA ALA A 9 22.99 34.72 21.14
C ALA A 9 21.80 34.74 20.19
N GLU A 10 22.01 34.41 18.91
CA GLU A 10 20.94 34.50 17.92
C GLU A 10 20.11 33.23 17.82
N LEU A 11 20.42 32.19 18.61
CA LEU A 11 19.66 30.95 18.61
C LEU A 11 18.59 30.92 19.69
N LEU A 12 18.41 32.01 20.43
CA LEU A 12 17.37 32.10 21.46
C LEU A 12 16.54 33.33 21.17
N VAL A 13 15.25 33.13 20.93
CA VAL A 13 14.33 34.19 20.54
C VAL A 13 13.08 34.10 21.40
N THR A 14 12.59 35.25 21.86
CA THR A 14 11.37 35.31 22.66
C THR A 14 10.21 35.77 21.77
N VAL A 15 9.15 34.97 21.73
CA VAL A 15 7.94 35.34 21.01
C VAL A 15 6.85 35.60 22.04
N ARG A 16 5.62 35.84 21.57
CA ARG A 16 4.53 36.17 22.49
C ARG A 16 4.15 34.97 23.36
N GLY A 17 4.31 33.75 22.85
CA GLY A 17 3.98 32.59 23.65
C GLY A 17 5.04 32.23 24.66
N GLY A 18 6.31 32.50 24.35
CA GLY A 18 7.38 32.15 25.28
C GLY A 18 8.73 32.22 24.60
N ARG A 19 9.66 31.40 25.08
CA ARG A 19 11.01 31.35 24.56
C ARG A 19 11.21 30.12 23.68
N LEU A 20 12.18 30.23 22.78
CA LEU A 20 12.50 29.17 21.83
C LEU A 20 14.00 29.09 21.65
N ARG A 21 14.52 27.88 21.53
CA ARG A 21 15.92 27.65 21.18
C ARG A 21 15.99 27.09 19.76
N GLY A 22 16.75 27.76 18.90
CA GLY A 22 16.92 27.34 17.53
C GLY A 22 18.19 26.54 17.32
N ILE A 23 18.48 26.27 16.05
CA ILE A 23 19.66 25.52 15.65
C ILE A 23 20.29 26.22 14.46
N ARG A 24 21.61 26.11 14.34
CA ARG A 24 22.35 26.73 13.25
C ARG A 24 22.64 25.67 12.19
N LEU A 25 22.08 25.86 11.01
CA LEU A 25 22.31 24.97 9.88
C LEU A 25 23.45 25.51 9.02
N LYS A 26 24.03 24.62 8.21
CA LYS A 26 25.20 24.95 7.41
C LYS A 26 24.87 24.79 5.92
N THR A 27 25.26 25.78 5.12
CA THR A 27 25.15 25.76 3.68
C THR A 27 26.53 25.99 3.08
N PRO A 28 26.75 25.62 1.82
CA PRO A 28 28.07 25.86 1.20
C PRO A 28 28.48 27.32 1.17
N GLY A 29 27.56 28.25 1.41
CA GLY A 29 27.88 29.66 1.33
C GLY A 29 27.81 30.40 2.66
N GLY A 30 27.40 29.71 3.71
CA GLY A 30 27.31 30.32 5.02
C GLY A 30 26.25 29.69 5.89
N PRO A 31 26.29 30.00 7.18
CA PRO A 31 25.32 29.42 8.12
C PRO A 31 24.00 30.17 8.14
N VAL A 32 22.97 29.49 8.62
CA VAL A 32 21.61 30.03 8.72
C VAL A 32 20.99 29.54 10.01
N SER A 33 20.31 30.45 10.71
CA SER A 33 19.59 30.09 11.93
C SER A 33 18.20 29.59 11.59
N ALA A 34 17.79 28.50 12.25
CA ALA A 34 16.50 27.87 11.98
C ALA A 34 15.79 27.58 13.29
N PHE A 35 14.46 27.70 13.25
CA PHE A 35 13.60 27.41 14.41
C PHE A 35 12.51 26.46 13.93
N LEU A 36 12.73 25.16 14.14
CA LEU A 36 11.88 24.11 13.59
C LEU A 36 11.02 23.52 14.69
N GLY A 37 9.70 23.59 14.51
CA GLY A 37 8.76 22.98 15.43
C GLY A 37 8.07 23.92 16.39
N ILE A 38 7.81 25.17 15.98
CA ILE A 38 7.16 26.14 16.85
C ILE A 38 5.68 25.83 16.93
N PRO A 39 5.12 25.58 18.12
CA PRO A 39 3.68 25.34 18.25
C PRO A 39 2.90 26.64 18.09
N PHE A 40 2.07 26.72 17.05
CA PHE A 40 1.22 27.88 16.83
C PHE A 40 -0.24 27.62 17.17
N ALA A 41 -0.57 26.43 17.63
CA ALA A 41 -1.96 26.11 17.96
C ALA A 41 -1.98 24.97 18.97
N GLU A 42 -3.10 24.87 19.70
CA GLU A 42 -3.31 23.76 20.60
C GLU A 42 -3.52 22.48 19.80
N PRO A 43 -3.05 21.34 20.32
CA PRO A 43 -3.20 20.07 19.59
C PRO A 43 -4.65 19.74 19.33
N PRO A 44 -5.04 19.62 18.06
CA PRO A 44 -6.45 19.30 17.71
C PRO A 44 -6.76 17.81 17.87
N MET A 45 -6.71 17.34 19.11
CA MET A 45 -6.94 15.95 19.45
C MET A 45 -8.19 15.82 20.31
N GLY A 46 -8.66 14.58 20.44
CA GLY A 46 -9.80 14.26 21.26
C GLY A 46 -11.06 14.98 20.79
N PRO A 47 -11.66 15.79 21.67
CA PRO A 47 -12.84 16.55 21.27
C PRO A 47 -12.55 17.70 20.33
N ARG A 48 -11.28 18.05 20.12
CA ARG A 48 -10.91 19.14 19.21
C ARG A 48 -10.75 18.68 17.77
N ARG A 49 -10.90 17.39 17.49
CA ARG A 49 -10.82 16.91 16.12
C ARG A 49 -11.96 17.49 15.29
N PHE A 50 -11.65 17.82 14.03
CA PHE A 50 -12.59 18.39 13.06
C PHE A 50 -12.94 19.84 13.35
N LEU A 51 -12.49 20.37 14.49
CA LEU A 51 -12.85 21.72 14.89
C LEU A 51 -11.79 22.73 14.43
N PRO A 52 -12.16 24.01 14.33
CA PRO A 52 -11.17 25.02 13.98
C PRO A 52 -10.07 25.09 15.02
N PRO A 53 -8.88 25.51 14.64
CA PRO A 53 -7.76 25.52 15.59
C PRO A 53 -7.92 26.61 16.64
N GLU A 54 -7.34 26.35 17.80
CA GLU A 54 -7.27 27.34 18.88
C GLU A 54 -5.84 27.81 19.04
N PRO A 55 -5.62 29.10 19.29
CA PRO A 55 -4.26 29.62 19.41
C PRO A 55 -3.50 28.95 20.54
N LYS A 56 -2.20 28.77 20.34
CA LYS A 56 -1.36 28.12 21.34
C LYS A 56 -1.25 28.99 22.58
N GLN A 57 -1.52 28.39 23.74
CA GLN A 57 -1.42 29.11 25.01
C GLN A 57 0.05 29.36 25.37
N PRO A 58 0.34 30.41 26.12
CA PRO A 58 1.73 30.68 26.51
C PRO A 58 2.30 29.54 27.35
N TRP A 59 3.60 29.31 27.18
CA TRP A 59 4.29 28.21 27.84
C TRP A 59 5.41 28.75 28.73
N SER A 60 5.84 27.91 29.66
CA SER A 60 6.93 28.23 30.55
C SER A 60 8.20 27.51 30.11
N GLY A 61 9.35 28.09 30.44
CA GLY A 61 10.61 27.51 30.04
C GLY A 61 10.97 27.83 28.61
N VAL A 62 11.81 26.97 28.03
CA VAL A 62 12.31 27.14 26.67
C VAL A 62 11.86 25.92 25.87
N VAL A 63 11.06 26.17 24.83
CA VAL A 63 10.64 25.12 23.92
C VAL A 63 11.77 24.82 22.94
N ASP A 64 12.13 23.54 22.84
CA ASP A 64 13.19 23.13 21.93
C ASP A 64 12.68 23.19 20.49
N ALA A 65 13.27 24.08 19.69
CA ALA A 65 12.89 24.21 18.29
C ALA A 65 14.07 23.87 17.39
N THR A 66 14.67 22.69 17.61
CA THR A 66 15.85 22.26 16.88
C THR A 66 15.58 21.17 15.87
N THR A 67 14.37 20.60 15.84
CA THR A 67 14.05 19.54 14.91
C THR A 67 12.58 19.67 14.50
N PHE A 68 12.27 19.14 13.32
CA PHE A 68 10.90 19.16 12.83
C PHE A 68 9.99 18.33 13.70
N GLN A 69 8.75 18.77 13.84
CA GLN A 69 7.78 18.10 14.69
C GLN A 69 7.06 17.02 13.87
N SER A 70 5.93 16.54 14.38
CA SER A 70 5.24 15.42 13.77
C SER A 70 4.45 15.85 12.53
N VAL A 71 4.31 14.93 11.60
CA VAL A 71 3.50 15.14 10.41
C VAL A 71 2.04 14.82 10.75
N CYS A 72 1.12 15.59 10.18
CA CYS A 72 -0.30 15.30 10.37
C CYS A 72 -0.65 13.94 9.77
N TYR A 73 -1.65 13.29 10.37
CA TYR A 73 -2.05 11.97 9.90
C TYR A 73 -2.53 12.03 8.46
N GLN A 74 -1.96 11.17 7.61
CA GLN A 74 -2.24 11.24 6.19
C GLN A 74 -1.99 9.87 5.57
N TYR A 75 -2.62 9.65 4.42
CA TYR A 75 -2.36 8.45 3.64
C TYR A 75 -0.91 8.42 3.19
N VAL A 76 -0.33 7.22 3.21
CA VAL A 76 1.07 7.02 2.81
C VAL A 76 1.06 6.28 1.47
N ASP A 77 1.69 6.89 0.47
CA ASP A 77 1.73 6.32 -0.87
C ASP A 77 2.52 5.02 -0.86
N THR A 78 1.88 3.94 -1.32
CA THR A 78 2.53 2.63 -1.42
C THR A 78 2.44 2.06 -2.82
N LEU A 79 2.26 2.91 -3.83
CA LEU A 79 2.16 2.42 -5.21
C LEU A 79 3.49 1.87 -5.70
N TYR A 80 4.59 2.54 -5.37
CA TYR A 80 5.93 2.12 -5.76
C TYR A 80 6.83 2.14 -4.53
N PRO A 81 6.79 1.09 -3.73
CA PRO A 81 7.65 1.03 -2.54
C PRO A 81 9.13 1.08 -2.91
N GLY A 82 9.88 1.91 -2.20
CA GLY A 82 11.30 2.05 -2.43
C GLY A 82 11.68 2.95 -3.58
N PHE A 83 10.72 3.53 -4.28
CA PHE A 83 10.99 4.39 -5.43
C PHE A 83 11.15 5.83 -4.97
N GLU A 84 12.25 6.46 -5.37
CA GLU A 84 12.53 7.83 -4.93
C GLU A 84 11.46 8.80 -5.41
N GLY A 85 10.90 8.58 -6.60
CA GLY A 85 9.94 9.52 -7.16
C GLY A 85 8.72 9.70 -6.29
N THR A 86 8.26 8.63 -5.65
CA THR A 86 7.10 8.70 -4.76
C THR A 86 7.49 8.80 -3.28
N GLU A 87 8.61 8.22 -2.89
CA GLU A 87 8.99 8.24 -1.47
C GLU A 87 9.40 9.62 -1.01
N MET A 88 9.87 10.47 -1.93
CA MET A 88 10.31 11.81 -1.55
C MET A 88 9.16 12.67 -1.02
N TRP A 89 7.92 12.33 -1.36
CA TRP A 89 6.76 13.09 -0.90
C TRP A 89 6.07 12.45 0.31
N ASN A 90 6.52 11.28 0.73
CA ASN A 90 5.92 10.60 1.87
C ASN A 90 6.41 11.22 3.17
N PRO A 91 5.69 11.01 4.28
CA PRO A 91 6.10 11.61 5.55
C PRO A 91 7.47 11.14 5.98
N ASN A 92 8.29 12.09 6.45
CA ASN A 92 9.61 11.80 6.98
C ASN A 92 9.67 11.97 8.50
N ARG A 93 8.52 12.07 9.16
CA ARG A 93 8.44 12.10 10.61
C ARG A 93 7.27 11.24 11.06
N GLU A 94 7.20 11.01 12.36
CA GLU A 94 6.12 10.21 12.93
C GLU A 94 4.77 10.89 12.70
N LEU A 95 3.79 10.10 12.30
CA LEU A 95 2.44 10.63 12.12
C LEU A 95 1.77 10.86 13.46
N SER A 96 0.97 11.91 13.55
CA SER A 96 0.28 12.27 14.78
C SER A 96 -0.73 13.37 14.47
N GLU A 97 -1.83 13.37 15.24
CA GLU A 97 -2.76 14.49 15.16
C GLU A 97 -2.22 15.74 15.81
N ASP A 98 -1.22 15.61 16.69
CA ASP A 98 -0.51 16.75 17.25
C ASP A 98 0.57 17.14 16.24
N CYS A 99 0.19 18.00 15.30
CA CYS A 99 1.08 18.37 14.21
C CYS A 99 1.09 19.85 13.86
N LEU A 100 0.24 20.68 14.46
CA LEU A 100 0.14 22.10 14.11
C LEU A 100 1.38 22.83 14.61
N TYR A 101 2.45 22.72 13.82
CA TYR A 101 3.72 23.38 14.10
C TYR A 101 4.23 24.07 12.84
N LEU A 102 4.95 25.16 13.03
CA LEU A 102 5.54 25.91 11.92
C LEU A 102 7.05 26.01 12.12
N ASN A 103 7.75 26.38 11.05
CA ASN A 103 9.19 26.49 11.05
C ASN A 103 9.60 27.84 10.46
N VAL A 104 10.66 28.43 11.00
CA VAL A 104 11.16 29.73 10.57
C VAL A 104 12.65 29.61 10.29
N TRP A 105 13.06 30.02 9.10
CA TRP A 105 14.47 30.17 8.74
C TRP A 105 14.81 31.64 8.65
N THR A 106 15.95 32.03 9.22
CA THR A 106 16.38 33.42 9.22
C THR A 106 17.88 33.48 9.00
N PRO A 107 18.37 34.49 8.27
CA PRO A 107 19.80 34.56 7.97
C PRO A 107 20.64 34.79 9.21
N TYR A 108 21.91 34.41 9.10
CA TYR A 108 22.89 34.65 10.15
C TYR A 108 24.03 35.50 9.60
N PRO A 109 24.33 36.67 10.20
CA PRO A 109 23.66 37.21 11.39
C PRO A 109 22.25 37.71 11.10
N ARG A 110 21.42 37.78 12.15
CA ARG A 110 20.04 38.20 11.98
C ARG A 110 19.98 39.58 11.33
N PRO A 111 19.11 39.79 10.35
CA PRO A 111 19.01 41.11 9.71
C PRO A 111 18.59 42.18 10.71
N THR A 112 19.27 43.33 10.65
CA THR A 112 18.97 44.43 11.55
C THR A 112 17.81 45.29 11.05
N SER A 113 17.45 45.17 9.77
CA SER A 113 16.33 45.89 9.19
C SER A 113 15.22 44.91 8.81
N PRO A 114 13.96 45.36 8.81
CA PRO A 114 12.86 44.45 8.45
C PRO A 114 13.03 43.87 7.05
N THR A 115 13.00 42.54 6.98
CA THR A 115 13.23 41.74 5.78
C THR A 115 11.93 41.12 5.30
N PRO A 116 11.67 41.12 3.99
CA PRO A 116 10.47 40.47 3.47
C PRO A 116 10.40 39.00 3.87
N VAL A 117 9.18 38.50 4.00
CA VAL A 117 8.91 37.17 4.54
C VAL A 117 8.24 36.33 3.45
N LEU A 118 8.72 35.10 3.27
CA LEU A 118 8.13 34.14 2.36
C LEU A 118 7.49 33.02 3.17
N VAL A 119 6.21 32.75 2.91
CA VAL A 119 5.46 31.73 3.64
C VAL A 119 5.08 30.63 2.64
N TRP A 120 5.53 29.41 2.92
CA TRP A 120 5.34 28.27 2.03
C TRP A 120 4.20 27.39 2.51
N ILE A 121 3.31 27.04 1.59
CA ILE A 121 2.20 26.12 1.87
C ILE A 121 2.35 24.92 0.93
N TYR A 122 2.55 23.74 1.51
CA TYR A 122 2.83 22.56 0.70
C TYR A 122 1.56 22.06 0.02
N GLY A 123 1.76 21.35 -1.10
CA GLY A 123 0.69 20.67 -1.79
C GLY A 123 0.58 19.22 -1.37
N GLY A 124 -0.26 18.49 -2.11
CA GLY A 124 -0.51 17.09 -1.81
C GLY A 124 -1.97 16.73 -1.89
N GLY A 125 -2.70 17.39 -2.79
CA GLY A 125 -4.09 17.07 -3.03
C GLY A 125 -4.99 17.17 -1.81
N PHE A 126 -4.62 18.01 -0.84
CA PHE A 126 -5.34 18.20 0.42
C PHE A 126 -5.44 16.92 1.25
N TYR A 127 -4.71 15.87 0.88
CA TYR A 127 -4.74 14.62 1.62
C TYR A 127 -3.38 14.22 2.19
N SER A 128 -2.31 14.89 1.83
CA SER A 128 -0.97 14.52 2.29
C SER A 128 -0.08 15.76 2.26
N GLY A 129 1.20 15.56 2.52
CA GLY A 129 2.16 16.65 2.54
C GLY A 129 2.65 16.96 3.95
N ALA A 130 3.80 17.63 4.00
CA ALA A 130 4.40 18.02 5.28
C ALA A 130 5.44 19.10 5.00
N SER A 131 5.63 19.97 5.98
CA SER A 131 6.61 21.04 5.85
C SER A 131 8.03 20.60 6.14
N SER A 132 8.24 19.36 6.59
CA SER A 132 9.55 18.86 6.93
C SER A 132 10.22 18.09 5.81
N LEU A 133 9.59 18.02 4.63
CA LEU A 133 10.19 17.30 3.52
C LEU A 133 11.52 17.94 3.11
N ASP A 134 12.45 17.11 2.66
CA ASP A 134 13.78 17.61 2.31
C ASP A 134 13.73 18.65 1.21
N VAL A 135 12.80 18.50 0.25
CA VAL A 135 12.70 19.44 -0.85
C VAL A 135 12.11 20.78 -0.44
N TYR A 136 11.62 20.89 0.80
CA TYR A 136 11.09 22.16 1.32
C TYR A 136 12.06 22.82 2.29
N ASP A 137 13.32 22.37 2.31
CA ASP A 137 14.31 22.95 3.21
C ASP A 137 14.63 24.38 2.78
N GLY A 138 14.34 25.33 3.67
CA GLY A 138 14.52 26.73 3.33
C GLY A 138 15.87 27.29 3.71
N ARG A 139 16.88 26.43 3.87
CA ARG A 139 18.19 26.91 4.27
C ARG A 139 18.96 27.52 3.11
N PHE A 140 18.69 27.09 1.88
CA PHE A 140 19.43 27.60 0.73
C PHE A 140 18.84 28.90 0.22
N LEU A 141 17.51 29.01 0.21
CA LEU A 141 16.87 30.24 -0.23
C LEU A 141 17.13 31.38 0.75
N VAL A 142 17.22 31.08 2.04
CA VAL A 142 17.44 32.12 3.06
C VAL A 142 18.89 32.59 3.02
N GLN A 143 19.83 31.66 2.81
CA GLN A 143 21.24 32.05 2.80
C GLN A 143 21.58 32.89 1.58
N ALA A 144 21.10 32.49 0.40
CA ALA A 144 21.48 33.15 -0.84
C ALA A 144 20.81 34.51 -1.00
N GLU A 145 19.53 34.62 -0.63
CA GLU A 145 18.77 35.84 -0.87
C GLU A 145 18.48 36.63 0.40
N ARG A 146 18.93 36.15 1.56
CA ARG A 146 18.76 36.84 2.83
C ARG A 146 17.29 37.19 3.09
N THR A 147 16.44 36.18 3.00
CA THR A 147 15.01 36.29 3.23
C THR A 147 14.64 35.52 4.49
N VAL A 148 13.43 35.77 4.98
CA VAL A 148 12.86 35.05 6.11
C VAL A 148 11.80 34.11 5.56
N LEU A 149 12.02 32.80 5.69
CA LEU A 149 11.13 31.79 5.16
C LEU A 149 10.36 31.13 6.30
N VAL A 150 9.05 31.06 6.16
CA VAL A 150 8.16 30.42 7.13
C VAL A 150 7.40 29.31 6.42
N SER A 151 7.19 28.20 7.11
CA SER A 151 6.40 27.10 6.58
C SER A 151 5.70 26.41 7.73
N MET A 152 4.42 26.12 7.55
CA MET A 152 3.60 25.52 8.59
C MET A 152 3.05 24.17 8.14
N ASN A 153 2.56 23.41 9.11
CA ASN A 153 1.80 22.20 8.87
C ASN A 153 0.33 22.50 9.06
N TYR A 154 -0.51 21.98 8.16
CA TYR A 154 -1.95 22.10 8.29
C TYR A 154 -2.58 20.73 8.14
N ARG A 155 -3.73 20.55 8.79
CA ARG A 155 -4.41 19.27 8.76
C ARG A 155 -4.93 18.97 7.36
N VAL A 156 -4.66 17.76 6.88
CA VAL A 156 -5.08 17.33 5.56
C VAL A 156 -6.05 16.15 5.73
N GLY A 157 -6.68 15.78 4.61
CA GLY A 157 -7.59 14.67 4.63
C GLY A 157 -8.84 14.94 5.45
N ALA A 158 -9.39 13.88 6.04
CA ALA A 158 -10.60 14.02 6.84
C ALA A 158 -10.36 14.88 8.07
N PHE A 159 -9.17 14.83 8.65
CA PHE A 159 -8.88 15.62 9.84
C PHE A 159 -8.82 17.11 9.55
N GLY A 160 -8.71 17.49 8.29
CA GLY A 160 -8.61 18.89 7.94
C GLY A 160 -9.71 19.43 7.05
N PHE A 161 -10.47 18.53 6.41
CA PHE A 161 -11.46 18.97 5.43
C PHE A 161 -12.73 18.13 5.42
N LEU A 162 -12.96 17.26 6.39
CA LEU A 162 -14.26 16.62 6.51
C LEU A 162 -15.28 17.66 6.94
N ALA A 163 -16.35 17.81 6.16
CA ALA A 163 -17.33 18.86 6.39
C ALA A 163 -18.73 18.26 6.43
N LEU A 164 -19.45 18.52 7.52
CA LEU A 164 -20.90 18.33 7.59
C LEU A 164 -21.51 19.73 7.60
N PRO A 165 -21.82 20.29 6.42
CA PRO A 165 -22.21 21.71 6.36
C PRO A 165 -23.45 22.01 7.17
N GLY A 166 -23.39 23.08 7.95
CA GLY A 166 -24.51 23.48 8.79
C GLY A 166 -24.23 23.26 10.26
N SER A 167 -23.53 22.17 10.58
CA SER A 167 -23.26 21.83 11.97
C SER A 167 -22.03 22.56 12.49
N ARG A 168 -21.94 22.66 13.81
CA ARG A 168 -20.81 23.29 14.47
C ARG A 168 -19.73 22.29 14.87
N GLU A 169 -20.02 21.00 14.83
CA GLU A 169 -19.05 19.99 15.20
C GLU A 169 -18.11 19.62 14.06
N ALA A 170 -18.52 19.83 12.82
CA ALA A 170 -17.68 19.55 11.64
C ALA A 170 -17.98 20.60 10.58
N PRO A 171 -17.50 21.83 10.77
CA PRO A 171 -17.82 22.90 9.80
C PRO A 171 -17.09 22.76 8.48
N GLY A 172 -15.86 22.25 8.49
CA GLY A 172 -15.08 22.10 7.28
C GLY A 172 -14.06 23.22 7.10
N ASN A 173 -13.15 22.98 6.16
CA ASN A 173 -12.09 23.93 5.81
C ASN A 173 -11.21 24.29 7.01
N VAL A 174 -11.18 23.44 8.04
CA VAL A 174 -10.36 23.74 9.20
C VAL A 174 -8.87 23.67 8.85
N GLY A 175 -8.51 22.88 7.83
CA GLY A 175 -7.14 22.90 7.35
C GLY A 175 -6.74 24.24 6.78
N LEU A 176 -7.69 24.93 6.13
CA LEU A 176 -7.43 26.30 5.72
C LEU A 176 -7.33 27.25 6.91
N LEU A 177 -8.10 26.96 7.97
CA LEU A 177 -8.00 27.77 9.18
C LEU A 177 -6.69 27.54 9.92
N ASP A 178 -6.11 26.34 9.78
CA ASP A 178 -4.77 26.12 10.30
C ASP A 178 -3.75 27.01 9.58
N GLN A 179 -3.94 27.20 8.28
CA GLN A 179 -3.05 28.07 7.52
C GLN A 179 -3.24 29.54 7.90
N ARG A 180 -4.49 29.95 8.14
CA ARG A 180 -4.76 31.34 8.51
C ARG A 180 -4.18 31.66 9.88
N LEU A 181 -4.36 30.75 10.85
CA LEU A 181 -3.80 30.98 12.18
C LEU A 181 -2.27 31.07 12.13
N ALA A 182 -1.64 30.33 11.23
CA ALA A 182 -0.20 30.46 11.05
C ALA A 182 0.16 31.81 10.43
N LEU A 183 -0.74 32.40 9.64
CA LEU A 183 -0.47 33.71 9.06
C LEU A 183 -0.63 34.82 10.10
N GLN A 184 -1.62 34.69 10.98
CA GLN A 184 -1.73 35.62 12.10
C GLN A 184 -0.53 35.50 13.03
N TRP A 185 0.02 34.29 13.17
CA TRP A 185 1.21 34.11 13.98
C TRP A 185 2.41 34.85 13.38
N VAL A 186 2.52 34.83 12.04
CA VAL A 186 3.61 35.55 11.39
C VAL A 186 3.45 37.05 11.60
N GLN A 187 2.22 37.55 11.55
CA GLN A 187 1.98 38.97 11.79
C GLN A 187 2.34 39.38 13.21
N GLU A 188 2.29 38.45 14.17
CA GLU A 188 2.52 38.77 15.57
C GLU A 188 3.91 38.39 16.06
N ASN A 189 4.70 37.67 15.26
CA ASN A 189 5.98 37.18 15.76
C ASN A 189 7.14 37.20 14.77
N VAL A 190 6.91 37.45 13.48
CA VAL A 190 8.01 37.37 12.52
C VAL A 190 9.01 38.50 12.73
N ALA A 191 8.62 39.56 13.44
CA ALA A 191 9.57 40.64 13.73
C ALA A 191 10.69 40.17 14.64
N ALA A 192 10.40 39.23 15.55
CA ALA A 192 11.42 38.72 16.46
C ALA A 192 12.52 37.95 15.73
N PHE A 193 12.30 37.58 14.47
CA PHE A 193 13.32 36.91 13.67
C PHE A 193 13.92 37.82 12.61
N GLY A 194 13.56 39.10 12.60
CA GLY A 194 14.04 40.03 11.60
C GLY A 194 13.16 40.16 10.38
N GLY A 195 11.92 39.69 10.42
CA GLY A 195 11.03 39.70 9.27
C GLY A 195 10.09 40.89 9.29
N ASP A 196 9.71 41.35 8.10
CA ASP A 196 8.84 42.50 7.96
C ASP A 196 7.40 42.01 7.83
N PRO A 197 6.53 42.24 8.83
CA PRO A 197 5.13 41.81 8.72
C PRO A 197 4.33 42.60 7.70
N THR A 198 4.90 43.64 7.08
CA THR A 198 4.21 44.41 6.05
C THR A 198 4.63 43.99 4.64
N SER A 199 5.45 42.93 4.52
CA SER A 199 5.89 42.42 3.24
C SER A 199 5.89 40.89 3.31
N VAL A 200 4.70 40.31 3.29
CA VAL A 200 4.51 38.86 3.38
C VAL A 200 4.07 38.34 2.02
N THR A 201 4.80 37.35 1.50
CA THR A 201 4.53 36.75 0.20
C THR A 201 4.19 35.28 0.38
N LEU A 202 2.94 34.92 0.10
CA LEU A 202 2.53 33.51 0.10
C LEU A 202 2.97 32.84 -1.19
N PHE A 203 3.47 31.62 -1.08
CA PHE A 203 3.76 30.82 -2.27
C PHE A 203 3.59 29.35 -1.94
N GLY A 204 2.90 28.64 -2.83
CA GLY A 204 2.64 27.23 -2.65
C GLY A 204 2.48 26.54 -3.99
N GLU A 205 2.43 25.22 -3.95
CA GLU A 205 2.37 24.41 -5.16
C GLU A 205 1.23 23.42 -5.05
N SER A 206 0.59 23.14 -6.19
CA SER A 206 -0.49 22.15 -6.30
C SER A 206 -1.59 22.55 -5.33
N ALA A 207 -1.94 21.72 -4.34
CA ALA A 207 -2.97 22.08 -3.37
C ALA A 207 -2.54 23.28 -2.52
N GLY A 208 -1.24 23.50 -2.37
CA GLY A 208 -0.79 24.70 -1.69
C GLY A 208 -1.03 25.96 -2.51
N ALA A 209 -0.83 25.85 -3.83
CA ALA A 209 -1.15 26.98 -4.72
C ALA A 209 -2.64 27.27 -4.72
N ALA A 210 -3.48 26.23 -4.68
CA ALA A 210 -4.91 26.44 -4.55
C ALA A 210 -5.25 27.07 -3.20
N SER A 211 -4.54 26.68 -2.15
CA SER A 211 -4.75 27.29 -0.85
C SER A 211 -4.38 28.77 -0.88
N VAL A 212 -3.26 29.11 -1.53
CA VAL A 212 -2.89 30.51 -1.68
C VAL A 212 -3.98 31.28 -2.40
N GLY A 213 -4.59 30.66 -3.41
CA GLY A 213 -5.67 31.31 -4.14
C GLY A 213 -6.92 31.52 -3.30
N MET A 214 -7.23 30.58 -2.41
CA MET A 214 -8.42 30.72 -1.58
C MET A 214 -8.24 31.76 -0.49
N HIS A 215 -7.01 31.97 -0.02
CA HIS A 215 -6.74 33.09 0.87
C HIS A 215 -6.86 34.44 0.18
N LEU A 216 -6.65 34.48 -1.15
CA LEU A 216 -6.90 35.70 -1.90
C LEU A 216 -8.37 36.03 -1.99
N LEU A 217 -9.24 35.02 -1.91
CA LEU A 217 -10.67 35.18 -2.06
C LEU A 217 -11.41 35.20 -0.73
N SER A 218 -10.69 35.25 0.38
CA SER A 218 -11.31 35.29 1.71
C SER A 218 -10.90 36.58 2.41
N PRO A 219 -11.85 37.42 2.82
CA PRO A 219 -11.50 38.72 3.42
C PRO A 219 -10.63 38.59 4.67
N PRO A 220 -10.95 37.69 5.62
CA PRO A 220 -10.12 37.63 6.83
C PRO A 220 -8.68 37.21 6.58
N SER A 221 -8.40 36.55 5.47
CA SER A 221 -7.04 36.13 5.16
C SER A 221 -6.29 37.14 4.28
N ARG A 222 -7.00 37.99 3.56
CA ARG A 222 -6.36 38.94 2.65
C ARG A 222 -5.46 39.90 3.41
N GLY A 223 -5.89 40.35 4.59
CA GLY A 223 -5.13 41.31 5.36
C GLY A 223 -3.89 40.77 6.03
N LEU A 224 -3.54 39.50 5.80
CA LEU A 224 -2.38 38.88 6.43
C LEU A 224 -1.19 38.74 5.49
N PHE A 225 -1.38 38.98 4.19
CA PHE A 225 -0.29 38.89 3.23
C PHE A 225 -0.49 39.98 2.17
N HIS A 226 0.55 40.19 1.37
CA HIS A 226 0.54 41.25 0.37
C HIS A 226 0.85 40.77 -1.04
N ARG A 227 1.46 39.61 -1.22
CA ARG A 227 1.73 39.07 -2.54
C ARG A 227 1.43 37.57 -2.54
N ALA A 228 1.31 37.01 -3.73
CA ALA A 228 0.95 35.60 -3.89
C ALA A 228 1.74 35.00 -5.04
N VAL A 229 2.05 33.72 -4.90
CA VAL A 229 2.69 32.93 -5.96
C VAL A 229 1.95 31.60 -6.04
N LEU A 230 1.29 31.35 -7.16
CA LEU A 230 0.54 30.11 -7.37
C LEU A 230 1.33 29.23 -8.32
N GLN A 231 1.75 28.07 -7.84
CA GLN A 231 2.60 27.16 -8.59
C GLN A 231 1.81 25.91 -8.95
N SER A 232 1.47 25.78 -10.23
CA SER A 232 0.79 24.59 -10.77
C SER A 232 -0.48 24.28 -9.99
N GLY A 233 -1.29 25.30 -9.77
CA GLY A 233 -2.54 25.11 -9.03
C GLY A 233 -3.31 26.41 -9.00
N ALA A 234 -4.61 26.27 -8.74
CA ALA A 234 -5.52 27.41 -8.72
C ALA A 234 -6.74 27.03 -7.91
N PRO A 235 -7.37 27.99 -7.22
CA PRO A 235 -8.57 27.66 -6.42
C PRO A 235 -9.77 27.27 -7.26
N ASN A 236 -9.83 27.68 -8.52
CA ASN A 236 -10.95 27.38 -9.40
C ASN A 236 -10.81 26.03 -10.11
N GLY A 237 -9.82 25.23 -9.74
CA GLY A 237 -9.63 23.92 -10.33
C GLY A 237 -10.79 22.99 -10.03
N PRO A 238 -11.07 22.06 -10.95
CA PRO A 238 -12.20 21.14 -10.76
C PRO A 238 -12.00 20.15 -9.61
N TRP A 239 -10.81 20.11 -9.01
CA TRP A 239 -10.52 19.21 -7.92
C TRP A 239 -10.36 19.92 -6.57
N ALA A 240 -10.32 21.25 -6.56
CA ALA A 240 -9.97 21.98 -5.35
C ALA A 240 -11.14 22.21 -4.42
N THR A 241 -12.37 22.14 -4.91
CA THR A 241 -13.55 22.37 -4.07
C THR A 241 -14.62 21.35 -4.39
N VAL A 242 -15.56 21.21 -3.45
CA VAL A 242 -16.74 20.37 -3.62
C VAL A 242 -17.95 21.10 -3.06
N GLY A 243 -19.13 20.69 -3.52
CA GLY A 243 -20.35 21.27 -3.01
C GLY A 243 -20.68 20.76 -1.63
N MET A 244 -21.56 21.50 -0.94
CA MET A 244 -21.98 21.12 0.40
C MET A 244 -22.70 19.78 0.41
N GLY A 245 -23.44 19.48 -0.65
CA GLY A 245 -24.14 18.20 -0.71
C GLY A 245 -23.21 17.03 -0.91
N GLU A 246 -22.18 17.21 -1.75
CA GLU A 246 -21.22 16.14 -1.97
C GLU A 246 -20.34 15.92 -0.76
N ALA A 247 -20.01 16.99 -0.03
CA ALA A 247 -19.21 16.85 1.18
C ALA A 247 -19.96 16.07 2.26
N ARG A 248 -21.28 16.30 2.36
CA ARG A 248 -22.08 15.55 3.34
C ARG A 248 -22.15 14.08 2.97
N ARG A 249 -22.25 13.77 1.68
CA ARG A 249 -22.30 12.37 1.26
C ARG A 249 -20.98 11.67 1.51
N ARG A 250 -19.86 12.35 1.26
CA ARG A 250 -18.55 11.74 1.49
C ARG A 250 -18.28 11.56 2.98
N ALA A 251 -18.70 12.52 3.80
CA ALA A 251 -18.51 12.39 5.24
C ALA A 251 -19.38 11.27 5.81
N THR A 252 -20.62 11.15 5.32
CA THR A 252 -21.50 10.09 5.80
C THR A 252 -21.02 8.73 5.35
N GLN A 253 -20.50 8.63 4.12
CA GLN A 253 -19.97 7.35 3.66
C GLN A 253 -18.74 6.93 4.44
N LEU A 254 -17.85 7.89 4.76
CA LEU A 254 -16.70 7.57 5.60
C LEU A 254 -17.13 7.08 6.97
N ALA A 255 -18.15 7.72 7.55
CA ALA A 255 -18.64 7.29 8.85
C ALA A 255 -19.24 5.88 8.77
N HIS A 256 -19.96 5.60 7.69
CA HIS A 256 -20.56 4.27 7.53
C HIS A 256 -19.49 3.19 7.45
N LEU A 257 -18.38 3.48 6.75
CA LEU A 257 -17.33 2.48 6.58
C LEU A 257 -16.59 2.18 7.87
N VAL A 258 -16.66 3.06 8.87
CA VAL A 258 -15.99 2.86 10.14
C VAL A 258 -16.99 2.55 11.25
N GLY A 259 -18.21 2.18 10.88
CA GLY A 259 -19.20 1.80 11.87
C GLY A 259 -19.88 2.95 12.57
N CYS A 260 -20.05 4.09 11.89
CA CYS A 260 -20.68 5.26 12.47
C CYS A 260 -21.90 5.65 11.64
N PRO A 261 -23.09 5.79 12.25
CA PRO A 261 -23.28 5.49 13.67
C PRO A 261 -23.53 4.00 13.89
N PRO A 262 -23.44 3.53 15.13
CA PRO A 262 -23.84 2.14 15.41
C PRO A 262 -25.31 1.92 15.07
N GLY A 263 -25.60 1.88 13.78
CA GLY A 263 -26.99 1.93 13.34
C GLY A 263 -27.82 0.77 13.87
N GLY A 264 -29.11 1.02 14.04
CA GLY A 264 -29.70 2.30 13.73
C GLY A 264 -29.81 3.26 14.91
N THR A 265 -28.65 3.70 15.40
CA THR A 265 -28.62 4.67 16.50
C THR A 265 -29.12 6.03 16.05
N GLY A 266 -28.81 6.42 14.82
CA GLY A 266 -29.07 7.76 14.37
C GLY A 266 -27.90 8.65 14.71
N GLY A 267 -27.66 9.68 13.90
CA GLY A 267 -28.49 9.97 12.75
C GLY A 267 -28.25 11.39 12.29
N ASN A 268 -28.27 12.32 13.24
CA ASN A 268 -27.96 13.71 12.96
C ASN A 268 -26.44 13.92 12.95
N ASP A 269 -26.02 15.17 12.79
CA ASP A 269 -24.60 15.46 12.66
C ASP A 269 -23.86 15.33 13.98
N THR A 270 -24.51 15.65 15.10
CA THR A 270 -23.83 15.61 16.38
C THR A 270 -23.45 14.18 16.77
N GLU A 271 -24.37 13.23 16.58
CA GLU A 271 -24.08 11.83 16.89
C GLU A 271 -23.07 11.25 15.91
N LEU A 272 -23.08 11.72 14.66
CA LEU A 272 -22.15 11.19 13.66
C LEU A 272 -20.71 11.60 13.95
N VAL A 273 -20.51 12.89 14.25
CA VAL A 273 -19.16 13.38 14.54
C VAL A 273 -18.66 12.80 15.87
N ALA A 274 -19.56 12.65 16.85
CA ALA A 274 -19.17 12.08 18.14
C ALA A 274 -18.65 10.65 17.96
N CYS A 275 -19.26 9.89 17.04
CA CYS A 275 -18.76 8.55 16.76
C CYS A 275 -17.44 8.59 16.01
N LEU A 276 -17.27 9.56 15.11
CA LEU A 276 -16.02 9.67 14.36
C LEU A 276 -14.85 10.09 15.26
N ARG A 277 -15.13 10.85 16.33
CA ARG A 277 -14.06 11.28 17.22
C ARG A 277 -13.54 10.15 18.10
N THR A 278 -14.30 9.07 18.24
CA THR A 278 -13.85 7.94 19.05
C THR A 278 -12.97 6.97 18.26
N ARG A 279 -13.05 7.00 16.93
CA ARG A 279 -12.28 6.07 16.12
C ARG A 279 -10.80 6.46 16.11
N PRO A 280 -9.90 5.49 16.03
CA PRO A 280 -8.48 5.80 15.88
C PRO A 280 -8.22 6.56 14.58
N ALA A 281 -7.15 7.36 14.59
CA ALA A 281 -6.84 8.19 13.43
C ALA A 281 -6.54 7.34 12.20
N GLN A 282 -5.84 6.22 12.38
CA GLN A 282 -5.48 5.37 11.25
C GLN A 282 -6.70 4.72 10.63
N VAL A 283 -7.76 4.49 11.42
CA VAL A 283 -8.97 3.86 10.89
C VAL A 283 -9.62 4.75 9.84
N LEU A 284 -9.71 6.05 10.11
CA LEU A 284 -10.30 6.98 9.15
C LEU A 284 -9.45 7.07 7.89
N VAL A 285 -8.13 6.96 8.01
CA VAL A 285 -7.26 7.06 6.85
C VAL A 285 -7.43 5.86 5.93
N ASN A 286 -7.64 4.68 6.50
CA ASN A 286 -7.73 3.45 5.72
C ASN A 286 -8.94 3.41 4.81
N HIS A 287 -9.92 4.29 5.01
CA HIS A 287 -11.13 4.32 4.18
C HIS A 287 -11.30 5.66 3.47
N GLU A 288 -10.25 6.48 3.41
CA GLU A 288 -10.38 7.80 2.80
C GLU A 288 -10.67 7.71 1.31
N TRP A 289 -9.97 6.83 0.60
CA TRP A 289 -10.14 6.72 -0.84
C TRP A 289 -11.38 5.96 -1.25
N HIS A 290 -12.08 5.31 -0.31
CA HIS A 290 -13.25 4.51 -0.61
C HIS A 290 -14.54 5.33 -0.68
N VAL A 291 -14.44 6.66 -0.57
CA VAL A 291 -15.61 7.53 -0.62
C VAL A 291 -15.70 8.32 -1.91
N LEU A 292 -14.73 8.19 -2.80
CA LEU A 292 -14.80 8.89 -4.08
C LEU A 292 -15.95 8.33 -4.92
N PRO A 293 -16.68 9.18 -5.63
CA PRO A 293 -17.86 8.69 -6.36
C PRO A 293 -17.50 7.84 -7.57
N GLN A 294 -16.40 8.12 -8.26
CA GLN A 294 -16.06 7.42 -9.49
C GLN A 294 -14.59 7.08 -9.53
N GLU A 295 -14.23 6.28 -10.53
CA GLU A 295 -12.82 5.99 -10.84
C GLU A 295 -12.23 7.17 -11.60
N SER A 296 -11.21 7.79 -11.04
CA SER A 296 -10.65 8.98 -11.67
C SER A 296 -9.25 9.23 -11.14
N VAL A 297 -8.52 10.05 -11.89
CA VAL A 297 -7.23 10.58 -11.47
C VAL A 297 -7.40 12.07 -11.17
N PHE A 298 -6.51 12.59 -10.33
CA PHE A 298 -6.51 14.00 -9.94
C PHE A 298 -7.83 14.40 -9.27
N ARG A 299 -8.37 13.48 -8.47
CA ARG A 299 -9.54 13.74 -7.64
C ARG A 299 -9.28 13.24 -6.24
N PHE A 300 -9.70 14.02 -5.25
CA PHE A 300 -9.39 13.74 -3.85
C PHE A 300 -10.66 13.79 -3.01
N SER A 301 -10.67 13.02 -1.92
CA SER A 301 -11.89 12.81 -1.16
C SER A 301 -12.33 14.07 -0.43
N PHE A 302 -11.51 14.55 0.50
CA PHE A 302 -11.86 15.68 1.35
C PHE A 302 -11.03 16.88 0.94
N VAL A 303 -11.70 17.89 0.37
CA VAL A 303 -11.06 19.10 -0.12
C VAL A 303 -11.82 20.29 0.46
N PRO A 304 -11.36 21.53 0.27
CA PRO A 304 -12.16 22.68 0.73
C PRO A 304 -13.58 22.64 0.17
N VAL A 305 -14.53 23.09 0.99
CA VAL A 305 -15.94 23.08 0.64
C VAL A 305 -16.44 24.51 0.55
N VAL A 306 -17.31 24.77 -0.43
CA VAL A 306 -17.95 26.08 -0.56
C VAL A 306 -19.06 26.17 0.49
N ASP A 307 -18.73 26.75 1.64
CA ASP A 307 -19.62 26.73 2.80
C ASP A 307 -20.36 28.04 3.03
N GLY A 308 -19.92 29.13 2.41
CA GLY A 308 -20.49 30.43 2.66
C GLY A 308 -19.81 31.21 3.77
N ASP A 309 -18.87 30.59 4.49
CA ASP A 309 -18.12 31.29 5.53
C ASP A 309 -16.72 31.63 5.02
N PHE A 310 -15.85 30.62 4.94
CA PHE A 310 -14.52 30.85 4.40
C PHE A 310 -14.59 31.25 2.93
N LEU A 311 -15.48 30.63 2.18
CA LEU A 311 -15.72 30.94 0.77
C LEU A 311 -17.19 31.34 0.64
N SER A 312 -17.45 32.65 0.55
CA SER A 312 -18.82 33.13 0.47
C SER A 312 -19.53 32.63 -0.78
N ASP A 313 -18.78 32.32 -1.83
CA ASP A 313 -19.33 31.74 -3.04
C ASP A 313 -18.29 30.82 -3.65
N THR A 314 -18.59 30.28 -4.84
CA THR A 314 -17.65 29.42 -5.52
C THR A 314 -16.40 30.21 -5.90
N PRO A 315 -15.25 29.53 -6.01
CA PRO A 315 -14.03 30.25 -6.43
C PRO A 315 -14.18 30.94 -7.76
N GLU A 316 -14.86 30.32 -8.73
CA GLU A 316 -15.05 30.95 -10.03
C GLU A 316 -15.84 32.24 -9.91
N ALA A 317 -16.88 32.26 -9.06
CA ALA A 317 -17.68 33.47 -8.89
C ALA A 317 -16.88 34.57 -8.19
N LEU A 318 -16.11 34.20 -7.16
CA LEU A 318 -15.34 35.20 -6.43
C LEU A 318 -14.23 35.80 -7.28
N ILE A 319 -13.68 35.02 -8.21
CA ILE A 319 -12.63 35.54 -9.08
C ILE A 319 -13.20 36.57 -10.05
N ASN A 320 -14.38 36.30 -10.62
CA ASN A 320 -14.95 37.20 -11.61
C ASN A 320 -15.38 38.52 -10.98
N ALA A 321 -16.01 38.47 -9.81
CA ALA A 321 -16.51 39.67 -9.14
C ALA A 321 -15.58 40.13 -8.04
N GLY A 322 -14.29 40.24 -8.34
CA GLY A 322 -13.30 40.63 -7.35
C GLY A 322 -12.44 41.77 -7.83
N ASP A 323 -12.08 42.66 -6.90
CA ASP A 323 -11.21 43.78 -7.16
C ASP A 323 -9.82 43.45 -6.61
N PHE A 324 -8.83 43.37 -7.50
CA PHE A 324 -7.49 42.95 -7.12
C PHE A 324 -6.46 44.05 -7.38
N HIS A 325 -6.86 45.31 -7.28
CA HIS A 325 -5.92 46.41 -7.47
C HIS A 325 -4.90 46.44 -6.33
N GLY A 326 -3.70 46.88 -6.66
CA GLY A 326 -2.62 46.91 -5.69
C GLY A 326 -2.19 45.52 -5.24
N LEU A 327 -2.02 44.60 -6.18
CA LEU A 327 -1.74 43.22 -5.86
C LEU A 327 -0.89 42.63 -6.99
N GLN A 328 0.11 41.84 -6.62
CA GLN A 328 1.00 41.19 -7.57
C GLN A 328 1.01 39.69 -7.33
N VAL A 329 0.80 38.92 -8.39
CA VAL A 329 0.89 37.46 -8.32
C VAL A 329 1.95 36.98 -9.29
N LEU A 330 2.40 35.75 -9.08
CA LEU A 330 3.35 35.07 -9.95
C LEU A 330 2.82 33.66 -10.17
N VAL A 331 2.11 33.46 -11.28
CA VAL A 331 1.51 32.18 -11.59
C VAL A 331 2.38 31.45 -12.61
N GLY A 332 2.19 30.14 -12.70
CA GLY A 332 2.97 29.35 -13.64
C GLY A 332 2.71 27.86 -13.51
N VAL A 333 3.12 27.12 -14.53
CA VAL A 333 2.92 25.67 -14.60
C VAL A 333 4.21 25.03 -15.09
N VAL A 334 4.25 23.70 -15.04
CA VAL A 334 5.34 22.94 -15.61
C VAL A 334 4.92 22.45 -16.99
N LYS A 335 5.89 21.94 -17.75
CA LYS A 335 5.63 21.58 -19.13
C LYS A 335 4.67 20.39 -19.24
N ASP A 336 4.76 19.43 -18.31
CA ASP A 336 3.96 18.20 -18.36
C ASP A 336 3.22 18.05 -17.02
N GLU A 337 2.07 18.68 -16.93
CA GLU A 337 1.32 18.70 -15.68
C GLU A 337 0.58 17.40 -15.40
N GLY A 338 0.15 16.70 -16.44
CA GLY A 338 -0.73 15.55 -16.25
C GLY A 338 -0.07 14.20 -16.25
N SER A 339 1.21 14.13 -16.65
CA SER A 339 1.88 12.84 -16.77
C SER A 339 2.02 12.13 -15.43
N TYR A 340 2.16 12.89 -14.34
CA TYR A 340 2.38 12.29 -13.03
C TYR A 340 1.18 11.45 -12.60
N PHE A 341 -0.03 11.92 -12.86
CA PHE A 341 -1.24 11.29 -12.34
C PHE A 341 -1.72 10.12 -13.20
N LEU A 342 -1.18 9.96 -14.36
CA LEU A 342 -1.57 8.89 -15.22
C LEU A 342 -1.18 7.53 -14.73
N VAL A 343 -0.19 7.44 -13.88
CA VAL A 343 0.24 6.15 -13.37
C VAL A 343 -0.55 5.76 -12.16
N TYR A 344 -1.54 6.55 -11.84
CA TYR A 344 -2.40 6.32 -10.73
C TYR A 344 -3.78 5.82 -11.08
N GLY A 345 -3.95 5.26 -12.25
CA GLY A 345 -5.23 4.73 -12.64
C GLY A 345 -5.68 4.70 -14.07
N ALA A 346 -4.99 5.36 -14.96
CA ALA A 346 -5.34 5.30 -16.35
C ALA A 346 -4.92 3.96 -16.86
N PRO A 347 -5.83 3.30 -17.65
CA PRO A 347 -5.38 2.00 -18.15
C PRO A 347 -4.21 2.04 -19.14
N GLY A 348 -3.34 1.06 -19.08
CA GLY A 348 -2.20 0.97 -19.98
C GLY A 348 -0.99 1.77 -19.56
N PHE A 349 -1.07 2.53 -18.47
CA PHE A 349 0.03 3.39 -18.04
C PHE A 349 0.81 2.74 -16.92
N SER A 350 2.14 2.79 -17.03
CA SER A 350 3.05 2.25 -16.02
C SER A 350 4.35 3.02 -16.10
N LYS A 351 4.95 3.28 -14.94
CA LYS A 351 6.22 4.01 -14.91
C LYS A 351 7.40 3.15 -15.34
N ASP A 352 7.20 1.85 -15.54
CA ASP A 352 8.28 0.93 -15.85
C ASP A 352 8.32 0.52 -17.31
N ASN A 353 7.45 1.07 -18.15
CA ASN A 353 7.52 0.85 -19.60
C ASN A 353 7.27 2.17 -20.29
N GLU A 354 7.10 2.13 -21.62
CA GLU A 354 6.93 3.33 -22.40
C GLU A 354 5.50 3.87 -22.40
N SER A 355 4.55 3.12 -21.82
CA SER A 355 3.15 3.53 -21.75
C SER A 355 2.60 3.88 -23.14
N LEU A 356 2.90 3.02 -24.11
CA LEU A 356 2.41 3.20 -25.48
C LEU A 356 1.00 2.62 -25.54
N ILE A 357 0.01 3.46 -25.18
CA ILE A 357 -1.36 3.00 -25.06
C ILE A 357 -1.99 2.89 -26.44
N SER A 358 -3.06 2.09 -26.51
CA SER A 358 -3.85 1.96 -27.73
C SER A 358 -4.96 3.01 -27.72
N ARG A 359 -5.74 3.06 -28.82
CA ARG A 359 -6.83 4.01 -28.87
C ARG A 359 -7.98 3.61 -27.94
N ALA A 360 -8.19 2.30 -27.75
CA ALA A 360 -9.20 1.86 -26.80
C ALA A 360 -8.86 2.30 -25.39
N GLU A 361 -7.60 2.17 -24.99
CA GLU A 361 -7.18 2.63 -23.67
C GLU A 361 -7.21 4.15 -23.57
N PHE A 362 -6.94 4.85 -24.68
CA PHE A 362 -7.04 6.31 -24.67
C PHE A 362 -8.47 6.76 -24.45
N LEU A 363 -9.44 6.10 -25.11
CA LEU A 363 -10.84 6.43 -24.90
C LEU A 363 -11.29 6.11 -23.48
N ALA A 364 -10.71 5.07 -22.87
CA ALA A 364 -11.04 4.75 -21.49
C ALA A 364 -10.39 5.73 -20.51
N GLY A 365 -9.17 6.17 -20.81
CA GLY A 365 -8.50 7.12 -19.95
C GLY A 365 -9.16 8.48 -19.92
N VAL A 366 -9.85 8.85 -21.01
CA VAL A 366 -10.54 10.14 -21.05
C VAL A 366 -11.66 10.16 -20.02
N ARG A 367 -12.37 9.04 -19.85
CA ARG A 367 -13.40 8.96 -18.83
C ARG A 367 -12.82 8.95 -17.42
N VAL A 368 -11.57 8.52 -17.27
CA VAL A 368 -10.91 8.57 -15.97
C VAL A 368 -10.32 9.95 -15.71
N GLY A 369 -9.71 10.56 -16.73
CA GLY A 369 -9.12 11.87 -16.56
C GLY A 369 -10.13 12.99 -16.43
N VAL A 370 -11.27 12.86 -17.10
CA VAL A 370 -12.34 13.85 -17.02
C VAL A 370 -13.58 13.17 -16.45
N PRO A 371 -13.66 12.96 -15.14
CA PRO A 371 -14.78 12.20 -14.58
C PRO A 371 -16.06 13.02 -14.51
N GLN A 372 -17.18 12.31 -14.55
CA GLN A 372 -18.52 12.88 -14.38
C GLN A 372 -18.81 13.94 -15.45
N VAL A 373 -18.70 13.50 -16.70
CA VAL A 373 -19.11 14.29 -17.86
C VAL A 373 -19.91 13.39 -18.79
N SER A 374 -20.76 14.02 -19.58
CA SER A 374 -21.62 13.28 -20.51
C SER A 374 -20.78 12.63 -21.61
N ASP A 375 -21.35 11.61 -22.24
CA ASP A 375 -20.67 10.95 -23.34
C ASP A 375 -20.45 11.91 -24.51
N LEU A 376 -21.36 12.88 -24.68
CA LEU A 376 -21.15 13.90 -25.70
C LEU A 376 -19.98 14.81 -25.34
N ALA A 377 -19.87 15.19 -24.07
CA ALA A 377 -18.74 16.02 -23.64
C ALA A 377 -17.43 15.27 -23.79
N ALA A 378 -17.43 13.97 -23.50
CA ALA A 378 -16.23 13.16 -23.70
C ALA A 378 -15.87 13.10 -25.19
N GLU A 379 -16.88 13.02 -26.06
CA GLU A 379 -16.62 13.03 -27.50
C GLU A 379 -15.95 14.33 -27.93
N ALA A 380 -16.36 15.45 -27.35
CA ALA A 380 -15.74 16.73 -27.66
C ALA A 380 -14.27 16.75 -27.23
N VAL A 381 -13.97 16.16 -26.07
CA VAL A 381 -12.59 16.11 -25.61
C VAL A 381 -11.74 15.24 -26.54
N VAL A 382 -12.28 14.11 -26.98
CA VAL A 382 -11.55 13.23 -27.90
C VAL A 382 -11.29 13.95 -29.21
N LEU A 383 -12.26 14.76 -29.67
CA LEU A 383 -12.08 15.49 -30.92
C LEU A 383 -10.92 16.47 -30.85
N HIS A 384 -10.81 17.22 -29.75
N HIS A 384 -10.81 17.20 -29.74
CA HIS A 384 -9.78 18.25 -29.67
CA HIS A 384 -9.80 18.26 -29.62
C HIS A 384 -8.39 17.64 -29.48
C HIS A 384 -8.40 17.71 -29.38
N TYR A 385 -8.29 16.54 -28.74
CA TYR A 385 -6.99 15.95 -28.39
C TYR A 385 -6.68 14.71 -29.22
N THR A 386 -7.12 14.67 -30.47
CA THR A 386 -6.80 13.58 -31.38
C THR A 386 -6.12 14.15 -32.61
N ASP A 387 -4.92 13.67 -32.90
CA ASP A 387 -4.25 13.97 -34.17
C ASP A 387 -4.92 13.11 -35.23
N TRP A 388 -5.87 13.70 -35.96
CA TRP A 388 -6.71 12.93 -36.87
C TRP A 388 -5.97 12.42 -38.11
N LEU A 389 -4.69 12.73 -38.24
CA LEU A 389 -3.86 12.09 -39.26
C LEU A 389 -3.17 10.85 -38.73
N HIS A 390 -2.82 10.83 -37.44
CA HIS A 390 -2.27 9.66 -36.76
C HIS A 390 -3.14 9.34 -35.55
N PRO A 391 -4.39 8.91 -35.78
CA PRO A 391 -5.31 8.74 -34.64
C PRO A 391 -5.03 7.52 -33.78
N GLU A 392 -4.13 6.63 -34.21
CA GLU A 392 -3.82 5.42 -33.47
C GLU A 392 -2.36 5.35 -33.06
N ASP A 393 -1.60 6.43 -33.25
CA ASP A 393 -0.20 6.44 -32.85
C ASP A 393 -0.11 6.38 -31.33
N PRO A 394 0.48 5.32 -30.76
CA PRO A 394 0.51 5.21 -29.29
C PRO A 394 1.27 6.34 -28.61
N ALA A 395 2.36 6.82 -29.22
CA ALA A 395 3.14 7.90 -28.61
C ALA A 395 2.34 9.20 -28.59
N ARG A 396 1.57 9.47 -29.64
CA ARG A 396 0.77 10.69 -29.66
C ARG A 396 -0.45 10.57 -28.73
N LEU A 397 -1.04 9.38 -28.66
CA LEU A 397 -2.15 9.16 -27.74
C LEU A 397 -1.70 9.28 -26.29
N ARG A 398 -0.44 8.94 -26.01
CA ARG A 398 0.09 9.06 -24.66
C ARG A 398 0.23 10.53 -24.26
N GLU A 399 0.89 11.32 -25.11
CA GLU A 399 1.03 12.75 -24.83
C GLU A 399 -0.32 13.46 -24.83
N ALA A 400 -1.28 12.97 -25.62
CA ALA A 400 -2.59 13.59 -25.66
C ALA A 400 -3.32 13.43 -24.34
N LEU A 401 -3.32 12.22 -23.78
CA LEU A 401 -4.00 12.01 -22.51
C LEU A 401 -3.32 12.76 -21.38
N SER A 402 -2.00 12.94 -21.45
CA SER A 402 -1.32 13.77 -20.46
C SER A 402 -1.75 15.23 -20.59
N ASP A 403 -1.89 15.71 -21.83
CA ASP A 403 -2.37 17.08 -22.02
C ASP A 403 -3.82 17.25 -21.61
N VAL A 404 -4.64 16.20 -21.76
CA VAL A 404 -6.02 16.26 -21.30
C VAL A 404 -6.08 16.51 -19.81
N VAL A 405 -5.36 15.69 -19.03
CA VAL A 405 -5.38 15.83 -17.59
C VAL A 405 -4.71 17.14 -17.16
N GLY A 406 -3.62 17.51 -17.81
CA GLY A 406 -2.91 18.72 -17.43
C GLY A 406 -3.70 19.98 -17.71
N ASP A 407 -4.47 20.01 -18.80
CA ASP A 407 -5.26 21.18 -19.13
C ASP A 407 -6.50 21.27 -18.26
N HIS A 408 -7.23 20.16 -18.12
CA HIS A 408 -8.47 20.17 -17.37
C HIS A 408 -8.26 20.57 -15.91
N ASN A 409 -7.13 20.18 -15.32
CA ASN A 409 -6.91 20.36 -13.89
C ASN A 409 -5.99 21.52 -13.53
N VAL A 410 -4.97 21.81 -14.35
CA VAL A 410 -3.97 22.78 -13.95
C VAL A 410 -3.88 23.95 -14.93
N VAL A 411 -3.46 23.68 -16.16
CA VAL A 411 -3.04 24.75 -17.08
C VAL A 411 -4.19 25.71 -17.36
N CYS A 412 -5.38 25.19 -17.61
CA CYS A 412 -6.49 26.07 -17.99
C CYS A 412 -7.14 26.74 -16.79
N PRO A 413 -7.33 26.06 -15.65
CA PRO A 413 -7.76 26.80 -14.45
C PRO A 413 -6.78 27.90 -14.04
N VAL A 414 -5.48 27.70 -14.27
CA VAL A 414 -4.50 28.74 -13.95
C VAL A 414 -4.63 29.90 -14.93
N ALA A 415 -4.72 29.59 -16.22
CA ALA A 415 -4.86 30.65 -17.22
C ALA A 415 -6.15 31.42 -17.04
N GLN A 416 -7.23 30.72 -16.64
CA GLN A 416 -8.49 31.41 -16.35
C GLN A 416 -8.33 32.40 -15.20
N LEU A 417 -7.62 31.98 -14.14
CA LEU A 417 -7.40 32.87 -13.01
C LEU A 417 -6.45 34.01 -13.36
N ALA A 418 -5.40 33.70 -14.13
CA ALA A 418 -4.42 34.73 -14.48
C ALA A 418 -5.04 35.80 -15.37
N GLY A 419 -5.95 35.42 -16.25
CA GLY A 419 -6.58 36.40 -17.12
C GLY A 419 -7.48 37.35 -16.37
N ARG A 420 -8.36 36.82 -15.53
CA ARG A 420 -9.27 37.66 -14.75
C ARG A 420 -8.52 38.46 -13.69
N LEU A 421 -7.37 37.98 -13.24
CA LEU A 421 -6.60 38.71 -12.24
C LEU A 421 -5.96 39.95 -12.86
N ALA A 422 -5.35 39.81 -14.03
CA ALA A 422 -4.72 40.94 -14.69
C ALA A 422 -5.74 41.96 -15.15
N ALA A 423 -6.88 41.49 -15.66
CA ALA A 423 -7.93 42.37 -16.18
C ALA A 423 -8.81 42.95 -15.09
N GLN A 424 -8.40 42.85 -13.81
CA GLN A 424 -9.21 43.39 -12.72
C GLN A 424 -8.34 44.04 -11.65
N GLY A 425 -7.15 44.51 -12.01
CA GLY A 425 -6.35 45.30 -11.09
C GLY A 425 -4.97 44.74 -10.77
N ALA A 426 -4.86 43.42 -10.69
CA ALA A 426 -3.61 42.81 -10.27
C ALA A 426 -2.61 42.77 -11.41
N ARG A 427 -1.33 42.91 -11.05
CA ARG A 427 -0.23 42.74 -11.99
C ARG A 427 0.25 41.29 -11.91
N VAL A 428 0.22 40.59 -13.04
CA VAL A 428 0.45 39.15 -13.09
C VAL A 428 1.70 38.87 -13.92
N TYR A 429 2.51 37.94 -13.44
CA TYR A 429 3.62 37.38 -14.20
C TYR A 429 3.41 35.88 -14.34
N ALA A 430 3.67 35.36 -15.55
CA ALA A 430 3.43 33.96 -15.85
C ALA A 430 4.71 33.30 -16.36
N TYR A 431 4.87 32.03 -16.01
CA TYR A 431 6.04 31.26 -16.43
C TYR A 431 5.60 29.86 -16.83
N VAL A 432 6.51 29.15 -17.50
CA VAL A 432 6.35 27.72 -17.80
C VAL A 432 7.69 27.06 -17.54
N PHE A 433 7.74 26.16 -16.56
CA PHE A 433 8.97 25.46 -16.21
C PHE A 433 9.19 24.29 -17.16
N GLU A 434 10.28 24.33 -17.93
CA GLU A 434 10.51 23.35 -18.98
C GLU A 434 11.83 22.60 -18.82
N HIS A 435 12.48 22.67 -17.67
CA HIS A 435 13.72 21.96 -17.44
C HIS A 435 13.45 20.66 -16.70
N ARG A 436 14.01 19.57 -17.21
CA ARG A 436 13.92 18.27 -16.58
C ARG A 436 15.20 18.01 -15.79
N ALA A 437 15.06 17.80 -14.49
CA ALA A 437 16.22 17.61 -13.63
C ALA A 437 16.99 16.36 -14.02
N SER A 438 18.32 16.45 -13.97
CA SER A 438 19.17 15.31 -14.31
C SER A 438 19.07 14.20 -13.27
N THR A 439 18.55 14.48 -12.08
CA THR A 439 18.38 13.50 -11.03
C THR A 439 16.97 12.92 -10.99
N LEU A 440 16.17 13.17 -12.02
CA LEU A 440 14.76 12.78 -12.01
C LEU A 440 14.65 11.27 -12.20
N SER A 441 14.01 10.61 -11.24
CA SER A 441 13.86 9.16 -11.24
C SER A 441 12.64 8.68 -12.02
N TRP A 442 11.74 9.59 -12.40
CA TRP A 442 10.60 9.20 -13.21
C TRP A 442 11.02 8.91 -14.64
N PRO A 443 10.24 8.10 -15.37
CA PRO A 443 10.62 7.75 -16.74
C PRO A 443 10.69 8.97 -17.65
N LEU A 444 11.32 8.76 -18.82
CA LEU A 444 11.58 9.88 -19.72
C LEU A 444 10.30 10.41 -20.34
N TRP A 445 9.34 9.54 -20.63
CA TRP A 445 8.12 9.97 -21.33
C TRP A 445 7.27 10.91 -20.49
N MET A 446 7.54 11.03 -19.19
CA MET A 446 6.79 11.95 -18.36
C MET A 446 7.24 13.40 -18.51
N GLY A 447 8.44 13.62 -19.07
CA GLY A 447 8.89 14.98 -19.29
C GLY A 447 9.19 15.68 -17.98
N VAL A 448 8.65 16.88 -17.82
CA VAL A 448 8.79 17.66 -16.59
C VAL A 448 7.51 17.48 -15.78
N PRO A 449 7.48 16.56 -14.82
CA PRO A 449 6.22 16.20 -14.18
C PRO A 449 5.76 17.25 -13.18
N HIS A 450 4.52 17.08 -12.74
CA HIS A 450 3.90 17.99 -11.79
C HIS A 450 4.61 17.94 -10.45
N GLY A 451 5.18 19.06 -10.04
CA GLY A 451 5.78 19.20 -8.73
C GLY A 451 7.30 19.17 -8.69
N TYR A 452 7.97 19.07 -9.84
CA TYR A 452 9.41 18.94 -9.88
C TYR A 452 10.11 20.22 -10.31
N GLU A 453 9.49 21.36 -10.04
CA GLU A 453 10.19 22.65 -10.05
C GLU A 453 10.50 23.14 -8.66
N ILE A 454 9.94 22.50 -7.63
CA ILE A 454 10.07 22.98 -6.25
C ILE A 454 11.51 22.89 -5.78
N GLU A 455 12.22 21.81 -6.14
CA GLU A 455 13.59 21.65 -5.69
C GLU A 455 14.51 22.73 -6.26
N PHE A 456 14.19 23.27 -7.43
CA PHE A 456 15.00 24.35 -7.98
C PHE A 456 14.67 25.70 -7.34
N ILE A 457 13.42 25.90 -6.93
CA ILE A 457 13.05 27.14 -6.27
C ILE A 457 13.69 27.22 -4.88
N PHE A 458 13.83 26.09 -4.20
CA PHE A 458 14.43 26.06 -2.87
C PHE A 458 15.94 25.88 -2.89
N GLY A 459 16.57 25.96 -4.07
CA GLY A 459 18.01 25.84 -4.14
C GLY A 459 18.56 24.49 -3.76
N ILE A 460 17.74 23.44 -3.87
CA ILE A 460 18.21 22.09 -3.52
C ILE A 460 19.44 21.68 -4.32
N PRO A 461 19.59 22.02 -5.62
CA PRO A 461 20.83 21.67 -6.32
C PRO A 461 22.10 22.18 -5.66
N LEU A 462 22.01 23.19 -4.77
CA LEU A 462 23.19 23.67 -4.07
C LEU A 462 23.68 22.69 -3.00
N ASP A 463 22.91 21.67 -2.68
CA ASP A 463 23.33 20.68 -1.69
C ASP A 463 24.50 19.88 -2.25
N PRO A 464 25.67 19.92 -1.62
CA PRO A 464 26.82 19.19 -2.18
C PRO A 464 26.67 17.68 -2.13
N SER A 465 25.82 17.15 -1.25
CA SER A 465 25.59 15.72 -1.19
C SER A 465 24.74 15.19 -2.34
N ARG A 466 24.21 16.07 -3.18
CA ARG A 466 23.38 15.67 -4.31
C ARG A 466 24.15 15.84 -5.61
N ASN A 467 23.79 15.02 -6.60
CA ASN A 467 24.56 14.92 -7.84
C ASN A 467 23.88 15.71 -8.96
N TYR A 468 23.74 17.01 -8.74
CA TYR A 468 23.26 17.92 -9.77
C TYR A 468 24.43 18.38 -10.64
N THR A 469 24.09 18.97 -11.79
CA THR A 469 25.09 19.49 -12.69
C THR A 469 25.45 20.93 -12.33
N ALA A 470 26.54 21.43 -12.91
CA ALA A 470 26.97 22.79 -12.64
C ALA A 470 25.99 23.81 -13.19
N GLU A 471 25.39 23.53 -14.35
CA GLU A 471 24.42 24.46 -14.93
C GLU A 471 23.13 24.49 -14.12
N GLU A 472 22.76 23.36 -13.51
CA GLU A 472 21.54 23.33 -12.70
C GLU A 472 21.71 24.10 -11.40
N LYS A 473 22.93 24.21 -10.88
CA LYS A 473 23.16 25.03 -9.70
C LYS A 473 23.00 26.51 -10.02
N ILE A 474 23.54 26.95 -11.16
CA ILE A 474 23.34 28.33 -11.58
C ILE A 474 21.88 28.58 -11.91
N PHE A 475 21.21 27.60 -12.52
CA PHE A 475 19.79 27.72 -12.82
C PHE A 475 18.97 27.84 -11.55
N ALA A 476 19.39 27.19 -10.47
CA ALA A 476 18.67 27.31 -9.20
C ALA A 476 18.85 28.70 -8.60
N GLN A 477 20.07 29.24 -8.66
CA GLN A 477 20.32 30.58 -8.12
C GLN A 477 19.56 31.65 -8.89
N ARG A 478 19.39 31.47 -10.20
CA ARG A 478 18.63 32.45 -10.97
C ARG A 478 17.15 32.40 -10.64
N LEU A 479 16.62 31.19 -10.39
CA LEU A 479 15.23 31.08 -9.98
C LEU A 479 15.00 31.63 -8.58
N MET A 480 15.96 31.43 -7.67
CA MET A 480 15.83 31.96 -6.32
C MET A 480 15.85 33.48 -6.33
N ARG A 481 16.63 34.09 -7.21
CA ARG A 481 16.61 35.54 -7.34
C ARG A 481 15.27 36.03 -7.88
N TYR A 482 14.68 35.27 -8.82
CA TYR A 482 13.36 35.63 -9.34
C TYR A 482 12.32 35.67 -8.23
N TRP A 483 12.21 34.58 -7.47
CA TRP A 483 11.22 34.53 -6.39
C TRP A 483 11.52 35.54 -5.29
N ALA A 484 12.80 35.80 -5.02
CA ALA A 484 13.15 36.78 -3.99
C ALA A 484 12.83 38.19 -4.44
N ASN A 485 13.20 38.54 -5.68
CA ASN A 485 12.89 39.88 -6.19
C ASN A 485 11.40 40.15 -6.18
N PHE A 486 10.60 39.13 -6.50
CA PHE A 486 9.15 39.31 -6.46
C PHE A 486 8.67 39.53 -5.03
N ALA A 487 9.31 38.88 -4.05
CA ALA A 487 8.91 39.06 -2.66
C ALA A 487 9.30 40.44 -2.14
N ARG A 488 10.39 41.01 -2.65
CA ARG A 488 10.87 42.29 -2.15
C ARG A 488 10.15 43.46 -2.84
N THR A 489 10.09 43.44 -4.17
CA THR A 489 9.60 44.58 -4.94
C THR A 489 8.31 44.30 -5.69
N GLY A 490 7.83 43.06 -5.72
CA GLY A 490 6.67 42.74 -6.53
C GLY A 490 6.98 42.57 -7.99
N ASP A 491 8.25 42.45 -8.36
CA ASP A 491 8.68 42.35 -9.75
C ASP A 491 9.83 41.35 -9.84
N PRO A 492 9.67 40.26 -10.59
CA PRO A 492 10.74 39.25 -10.66
C PRO A 492 12.01 39.76 -11.34
N ASN A 493 11.93 40.81 -12.15
CA ASN A 493 13.12 41.33 -12.81
C ASN A 493 14.00 42.06 -11.80
N GLU A 494 15.31 42.00 -12.04
CA GLU A 494 16.26 42.68 -11.17
C GLU A 494 16.00 44.18 -11.21
N PRO A 495 15.98 44.87 -10.06
CA PRO A 495 15.57 46.28 -10.05
C PRO A 495 16.45 47.19 -10.89
N ARG A 496 17.65 46.77 -11.26
CA ARG A 496 18.55 47.63 -12.04
C ARG A 496 19.27 46.95 -13.19
N ASP A 497 19.42 45.62 -13.18
CA ASP A 497 20.21 44.95 -14.21
C ASP A 497 19.52 45.02 -15.56
N PRO A 498 20.10 45.67 -16.57
CA PRO A 498 19.43 45.78 -17.88
C PRO A 498 19.89 44.72 -18.87
N LYS A 499 21.04 44.10 -18.61
CA LYS A 499 21.58 43.13 -19.56
C LYS A 499 20.78 41.85 -19.59
N ALA A 500 20.20 41.45 -18.46
CA ALA A 500 19.39 40.24 -18.43
C ALA A 500 18.07 40.47 -19.15
N PRO A 501 17.54 39.46 -19.84
CA PRO A 501 16.26 39.63 -20.54
C PRO A 501 15.14 39.97 -19.56
N GLN A 502 14.19 40.77 -20.05
CA GLN A 502 13.11 41.27 -19.21
C GLN A 502 11.94 40.29 -19.17
N TRP A 503 11.29 40.21 -18.00
CA TRP A 503 10.12 39.36 -17.82
C TRP A 503 8.88 40.23 -17.93
N PRO A 504 8.18 40.23 -19.08
CA PRO A 504 7.05 41.14 -19.22
C PRO A 504 5.85 40.64 -18.44
N PRO A 505 5.01 41.54 -17.92
CA PRO A 505 3.82 41.09 -17.18
C PRO A 505 2.86 40.33 -18.08
N TYR A 506 1.89 39.69 -17.44
CA TYR A 506 0.86 38.93 -18.13
C TYR A 506 -0.42 39.76 -18.18
N THR A 507 -0.92 39.98 -19.40
CA THR A 507 -2.16 40.71 -19.61
C THR A 507 -3.16 39.83 -20.32
N ALA A 508 -4.44 40.17 -20.19
CA ALA A 508 -5.50 39.38 -20.81
C ALA A 508 -5.46 39.44 -22.33
N GLY A 509 -4.81 40.45 -22.90
CA GLY A 509 -4.74 40.58 -24.35
C GLY A 509 -3.53 39.94 -24.96
N ALA A 510 -2.33 40.38 -24.57
CA ALA A 510 -1.12 39.83 -25.16
C ALA A 510 -0.81 38.44 -24.61
N GLN A 511 -1.12 38.19 -23.35
CA GLN A 511 -0.95 36.88 -22.71
C GLN A 511 0.50 36.41 -22.81
N GLN A 512 1.42 37.24 -22.34
CA GLN A 512 2.84 36.95 -22.42
C GLN A 512 3.32 36.22 -21.18
N TYR A 513 4.22 35.25 -21.40
CA TYR A 513 4.86 34.50 -20.32
C TYR A 513 6.30 34.21 -20.75
N VAL A 514 7.07 33.63 -19.84
CA VAL A 514 8.45 33.27 -20.12
C VAL A 514 8.64 31.78 -19.85
N SER A 515 9.66 31.22 -20.48
CA SER A 515 10.04 29.82 -20.28
C SER A 515 11.26 29.76 -19.37
N LEU A 516 11.18 28.90 -18.35
CA LEU A 516 12.25 28.76 -17.37
C LEU A 516 13.00 27.46 -17.66
N ASP A 517 14.26 27.58 -18.08
CA ASP A 517 15.14 26.45 -18.30
C ASP A 517 16.58 26.95 -18.26
N LEU A 518 17.52 26.11 -18.68
CA LEU A 518 18.93 26.48 -18.63
C LEU A 518 19.24 27.65 -19.57
N ARG A 519 18.48 27.78 -20.65
CA ARG A 519 18.66 28.90 -21.56
C ARG A 519 18.13 30.19 -20.94
N PRO A 520 18.56 31.35 -21.45
CA PRO A 520 18.02 32.62 -20.94
C PRO A 520 16.51 32.73 -21.16
N LEU A 521 15.94 33.79 -20.60
CA LEU A 521 14.50 33.98 -20.68
C LEU A 521 14.05 34.14 -22.12
N GLU A 522 12.92 33.51 -22.44
CA GLU A 522 12.32 33.58 -23.77
C GLU A 522 10.84 33.89 -23.61
N VAL A 523 10.41 35.01 -24.18
CA VAL A 523 9.01 35.43 -24.06
C VAL A 523 8.17 34.70 -25.10
N ARG A 524 7.03 34.18 -24.66
CA ARG A 524 6.07 33.53 -25.54
C ARG A 524 4.69 34.12 -25.26
N ARG A 525 3.70 33.67 -26.03
CA ARG A 525 2.34 34.19 -25.91
C ARG A 525 1.34 33.04 -25.96
N GLY A 526 0.41 33.04 -25.01
CA GLY A 526 -0.64 32.03 -24.97
C GLY A 526 -0.32 30.84 -24.09
N LEU A 527 -1.02 30.71 -22.97
CA LEU A 527 -0.92 29.53 -22.11
C LEU A 527 -1.88 28.46 -22.62
N ARG A 528 -1.52 27.89 -23.76
CA ARG A 528 -2.36 26.93 -24.48
C ARG A 528 -3.75 27.51 -24.69
N ALA A 529 -3.79 28.63 -25.41
CA ALA A 529 -5.03 29.38 -25.58
C ALA A 529 -6.05 28.59 -26.38
N GLN A 530 -5.61 27.84 -27.39
CA GLN A 530 -6.54 27.05 -28.19
C GLN A 530 -7.17 25.94 -27.37
N ALA A 531 -6.36 25.23 -26.57
CA ALA A 531 -6.90 24.14 -25.77
C ALA A 531 -7.77 24.65 -24.63
N CYS A 532 -7.38 25.77 -24.01
CA CYS A 532 -8.12 26.26 -22.85
C CYS A 532 -9.40 26.99 -23.23
N ALA A 533 -9.52 27.46 -24.47
CA ALA A 533 -10.80 28.00 -24.92
C ALA A 533 -11.88 26.93 -24.92
N PHE A 534 -11.49 25.68 -25.21
CA PHE A 534 -12.44 24.58 -25.13
C PHE A 534 -12.88 24.33 -23.69
N TRP A 535 -11.92 24.34 -22.75
CA TRP A 535 -12.24 24.04 -21.36
C TRP A 535 -12.96 25.19 -20.66
N ASN A 536 -12.48 26.42 -20.87
CA ASN A 536 -13.00 27.56 -20.12
C ASN A 536 -14.23 28.19 -20.75
N ARG A 537 -14.51 27.92 -22.01
CA ARG A 537 -15.61 28.58 -22.71
C ARG A 537 -16.64 27.59 -23.26
N PHE A 538 -16.23 26.68 -24.14
CA PHE A 538 -17.20 25.85 -24.85
C PHE A 538 -17.75 24.74 -23.98
N LEU A 539 -16.88 24.01 -23.27
CA LEU A 539 -17.33 22.87 -22.48
C LEU A 539 -18.35 23.23 -21.40
N PRO A 540 -18.25 24.38 -20.70
CA PRO A 540 -19.33 24.74 -19.77
C PRO A 540 -20.70 24.82 -20.43
N LYS A 541 -20.77 25.40 -21.63
CA LYS A 541 -22.06 25.49 -22.32
C LYS A 541 -22.51 24.13 -22.83
N LEU A 542 -21.56 23.22 -23.11
CA LEU A 542 -21.94 21.89 -23.58
C LEU A 542 -22.59 21.07 -22.47
N LEU A 543 -22.23 21.34 -21.22
CA LEU A 543 -22.83 20.66 -20.08
C LEU A 543 -24.15 21.29 -19.64
N SER A 544 -24.37 22.57 -19.95
CA SER A 544 -25.65 23.20 -19.64
C SER A 544 -26.77 22.57 -20.43
N ALA A 545 -26.58 22.39 -21.74
CA ALA A 545 -27.51 21.66 -22.59
C ALA A 545 -27.04 20.20 -22.62
N THR A 546 -27.57 19.40 -21.71
CA THR A 546 -27.15 18.01 -21.56
C THR A 546 -27.54 17.17 -22.78
N GLU B 7 30.71 -22.96 28.52
CA GLU B 7 30.43 -23.10 27.10
C GLU B 7 29.53 -24.29 26.81
N ASP B 8 28.35 -24.01 26.26
CA ASP B 8 27.43 -25.08 25.89
C ASP B 8 27.93 -25.76 24.63
N ALA B 9 28.10 -27.09 24.70
CA ALA B 9 28.67 -27.85 23.60
C ALA B 9 27.64 -28.31 22.59
N GLU B 10 26.35 -28.34 22.96
CA GLU B 10 25.31 -28.77 22.03
C GLU B 10 24.89 -27.68 21.05
N LEU B 11 25.48 -26.50 21.13
CA LEU B 11 25.15 -25.40 20.25
C LEU B 11 26.07 -25.31 19.03
N LEU B 12 26.93 -26.29 18.84
CA LEU B 12 27.86 -26.31 17.70
C LEU B 12 27.78 -27.69 17.06
N VAL B 13 27.16 -27.76 15.89
CA VAL B 13 26.90 -29.02 15.19
C VAL B 13 27.57 -28.97 13.83
N THR B 14 28.09 -30.10 13.39
CA THR B 14 28.72 -30.23 12.08
C THR B 14 27.77 -30.98 11.14
N VAL B 15 27.48 -30.38 9.99
CA VAL B 15 26.67 -31.01 8.96
C VAL B 15 27.53 -31.27 7.74
N ARG B 16 26.92 -31.75 6.65
CA ARG B 16 27.70 -32.10 5.46
C ARG B 16 28.35 -30.89 4.84
N GLY B 17 27.78 -29.71 5.03
CA GLY B 17 28.32 -28.50 4.43
C GLY B 17 29.39 -27.84 5.27
N GLY B 18 29.34 -28.06 6.59
CA GLY B 18 30.31 -27.44 7.48
C GLY B 18 29.77 -27.40 8.90
N ARG B 19 30.27 -26.43 9.66
CA ARG B 19 29.90 -26.26 11.06
C ARG B 19 28.92 -25.11 11.22
N LEU B 20 28.07 -25.23 12.25
CA LEU B 20 27.07 -24.22 12.57
C LEU B 20 27.13 -23.93 14.06
N ARG B 21 26.79 -22.70 14.43
CA ARG B 21 26.67 -22.30 15.83
C ARG B 21 25.23 -21.90 16.09
N GLY B 22 24.57 -22.61 17.02
CA GLY B 22 23.20 -22.34 17.36
C GLY B 22 23.07 -21.37 18.52
N ILE B 23 21.84 -21.26 19.03
CA ILE B 23 21.53 -20.37 20.13
C ILE B 23 20.50 -21.04 21.03
N ARG B 24 20.58 -20.77 22.32
CA ARG B 24 19.65 -21.30 23.30
C ARG B 24 18.47 -20.35 23.49
N LEU B 25 17.27 -20.86 23.30
CA LEU B 25 16.03 -20.10 23.50
C LEU B 25 15.35 -20.59 24.77
N LYS B 26 14.74 -19.66 25.49
CA LYS B 26 14.09 -19.96 26.76
C LYS B 26 12.58 -20.08 26.59
N THR B 27 12.00 -21.08 27.24
CA THR B 27 10.56 -21.28 27.32
C THR B 27 10.20 -21.40 28.79
N PRO B 28 8.93 -21.17 29.14
CA PRO B 28 8.52 -21.32 30.55
C PRO B 28 8.76 -22.70 31.13
N GLY B 29 9.03 -23.72 30.29
CA GLY B 29 9.20 -25.06 30.79
C GLY B 29 10.61 -25.60 30.63
N GLY B 30 11.48 -24.86 29.94
CA GLY B 30 12.85 -25.29 29.76
C GLY B 30 13.48 -24.69 28.52
N PRO B 31 14.81 -24.83 28.41
CA PRO B 31 15.51 -24.27 27.25
C PRO B 31 15.44 -25.20 26.04
N VAL B 32 15.65 -24.60 24.87
CA VAL B 32 15.64 -25.30 23.60
C VAL B 32 16.79 -24.80 22.75
N SER B 33 17.47 -25.72 22.07
CA SER B 33 18.53 -25.36 21.13
C SER B 33 17.93 -25.10 19.76
N ALA B 34 18.33 -24.00 19.14
CA ALA B 34 17.81 -23.60 17.84
C ALA B 34 18.95 -23.25 16.90
N PHE B 35 18.77 -23.58 15.62
CA PHE B 35 19.75 -23.26 14.58
C PHE B 35 19.01 -22.54 13.47
N LEU B 36 19.06 -21.21 13.49
CA LEU B 36 18.26 -20.37 12.61
C LEU B 36 19.14 -19.80 11.50
N GLY B 37 18.78 -20.08 10.25
CA GLY B 37 19.47 -19.47 9.12
C GLY B 37 20.50 -20.35 8.45
N ILE B 38 20.22 -21.65 8.37
CA ILE B 38 21.14 -22.60 7.73
C ILE B 38 20.95 -22.52 6.23
N PRO B 39 22.00 -22.21 5.45
CA PRO B 39 21.85 -22.15 3.99
C PRO B 39 21.81 -23.56 3.41
N PHE B 40 20.71 -23.87 2.71
CA PHE B 40 20.56 -25.17 2.07
C PHE B 40 20.67 -25.08 0.55
N ALA B 41 21.00 -23.91 0.01
CA ALA B 41 21.10 -23.76 -1.44
C ALA B 41 21.92 -22.51 -1.74
N GLU B 42 22.47 -22.49 -2.95
CA GLU B 42 23.15 -21.29 -3.43
C GLU B 42 22.15 -20.16 -3.61
N PRO B 43 22.56 -18.92 -3.38
CA PRO B 43 21.66 -17.77 -3.56
C PRO B 43 21.16 -17.69 -5.00
N PRO B 44 19.85 -17.79 -5.22
CA PRO B 44 19.30 -17.76 -6.59
C PRO B 44 19.17 -16.33 -7.14
N MET B 45 20.33 -15.69 -7.32
CA MET B 45 20.40 -14.32 -7.79
C MET B 45 21.08 -14.27 -9.15
N GLY B 46 20.97 -13.11 -9.79
CA GLY B 46 21.57 -12.89 -11.08
C GLY B 46 21.05 -13.84 -12.14
N PRO B 47 21.95 -14.59 -12.77
CA PRO B 47 21.51 -15.58 -13.78
C PRO B 47 20.76 -16.77 -13.19
N ARG B 48 20.79 -16.95 -11.86
CA ARG B 48 20.09 -18.05 -11.23
C ARG B 48 18.63 -17.75 -10.95
N ARG B 49 18.18 -16.51 -11.17
CA ARG B 49 16.78 -16.17 -10.94
C ARG B 49 15.90 -16.96 -11.90
N PHE B 50 14.77 -17.45 -11.37
CA PHE B 50 13.77 -18.27 -12.04
C PHE B 50 14.25 -19.69 -12.31
N LEU B 51 15.45 -20.07 -11.87
CA LEU B 51 16.01 -21.39 -12.12
C LEU B 51 15.85 -22.28 -10.89
N PRO B 52 15.89 -23.60 -11.08
CA PRO B 52 15.82 -24.50 -9.94
C PRO B 52 17.01 -24.29 -9.03
N PRO B 53 16.85 -24.58 -7.74
CA PRO B 53 17.95 -24.33 -6.79
C PRO B 53 19.07 -25.36 -6.95
N GLU B 54 20.28 -24.93 -6.59
CA GLU B 54 21.43 -25.80 -6.53
C GLU B 54 21.85 -25.99 -5.07
N PRO B 55 22.29 -27.19 -4.69
CA PRO B 55 22.66 -27.43 -3.30
C PRO B 55 23.78 -26.48 -2.85
N LYS B 56 23.73 -26.12 -1.57
CA LYS B 56 24.72 -25.23 -1.00
C LYS B 56 26.09 -25.89 -0.98
N GLN B 57 27.08 -25.24 -1.57
CA GLN B 57 28.44 -25.76 -1.57
C GLN B 57 29.00 -25.74 -0.14
N PRO B 58 29.91 -26.67 0.18
CA PRO B 58 30.49 -26.68 1.52
C PRO B 58 31.25 -25.41 1.82
N TRP B 59 31.25 -25.01 3.09
CA TRP B 59 31.86 -23.77 3.52
C TRP B 59 32.96 -24.06 4.55
N SER B 60 33.80 -23.04 4.78
CA SER B 60 34.85 -23.11 5.77
C SER B 60 34.47 -22.30 7.00
N GLY B 61 35.05 -22.67 8.14
CA GLY B 61 34.75 -21.95 9.35
C GLY B 61 33.40 -22.34 9.92
N VAL B 62 32.84 -21.44 10.72
CA VAL B 62 31.57 -21.66 11.40
C VAL B 62 30.58 -20.62 10.91
N VAL B 63 29.48 -21.08 10.31
CA VAL B 63 28.40 -20.19 9.91
C VAL B 63 27.52 -19.89 11.12
N ASP B 64 27.28 -18.61 11.37
CA ASP B 64 26.46 -18.20 12.50
C ASP B 64 24.99 -18.53 12.23
N ALA B 65 24.41 -19.39 13.06
CA ALA B 65 23.00 -19.74 12.94
C ALA B 65 22.24 -19.33 14.19
N THR B 66 22.39 -18.07 14.60
CA THR B 66 21.78 -17.56 15.82
C THR B 66 20.60 -16.64 15.55
N THR B 67 20.30 -16.31 14.30
CA THR B 67 19.20 -15.43 13.98
C THR B 67 18.64 -15.80 12.61
N PHE B 68 17.38 -15.43 12.40
CA PHE B 68 16.72 -15.70 11.13
C PHE B 68 17.37 -14.92 10.00
N GLN B 69 17.37 -15.51 8.81
CA GLN B 69 17.95 -14.87 7.65
C GLN B 69 16.91 -14.02 6.93
N SER B 70 17.23 -13.58 5.72
CA SER B 70 16.38 -12.67 4.99
C SER B 70 15.11 -13.37 4.50
N VAL B 71 14.06 -12.58 4.29
CA VAL B 71 12.81 -13.05 3.72
C VAL B 71 12.87 -12.91 2.21
N CYS B 72 12.33 -13.89 1.50
CA CYS B 72 12.29 -13.82 0.04
C CYS B 72 11.43 -12.62 -0.39
N TYR B 73 11.78 -12.06 -1.53
CA TYR B 73 11.07 -10.89 -2.04
C TYR B 73 9.62 -11.21 -2.29
N GLN B 74 8.73 -10.36 -1.78
CA GLN B 74 7.30 -10.63 -1.83
C GLN B 74 6.53 -9.33 -1.65
N TYR B 75 5.28 -9.35 -2.09
CA TYR B 75 4.38 -8.24 -1.86
C TYR B 75 4.15 -8.06 -0.36
N VAL B 76 4.05 -6.80 0.07
CA VAL B 76 3.83 -6.46 1.47
C VAL B 76 2.43 -5.87 1.59
N ASP B 77 1.60 -6.50 2.42
CA ASP B 77 0.21 -6.08 2.58
C ASP B 77 0.15 -4.71 3.22
N THR B 78 -0.49 -3.76 2.54
CA THR B 78 -0.69 -2.41 3.06
C THR B 78 -2.16 -2.02 3.06
N LEU B 79 -3.07 -3.00 3.10
CA LEU B 79 -4.50 -2.69 3.12
C LEU B 79 -4.89 -2.04 4.44
N TYR B 80 -4.31 -2.51 5.55
CA TYR B 80 -4.58 -1.95 6.87
C TYR B 80 -3.25 -1.71 7.58
N PRO B 81 -2.60 -0.58 7.30
CA PRO B 81 -1.32 -0.29 7.96
C PRO B 81 -1.49 -0.20 9.47
N GLY B 82 -0.54 -0.80 10.19
CA GLY B 82 -0.55 -0.79 11.64
C GLY B 82 -1.54 -1.73 12.30
N PHE B 83 -2.30 -2.49 11.52
CA PHE B 83 -3.29 -3.41 12.07
C PHE B 83 -2.62 -4.76 12.35
N GLU B 84 -2.80 -5.24 13.58
CA GLU B 84 -2.14 -6.49 13.98
C GLU B 84 -2.56 -7.66 13.11
N GLY B 85 -3.84 -7.69 12.71
CA GLY B 85 -4.35 -8.85 11.97
C GLY B 85 -3.65 -9.07 10.65
N THR B 86 -3.09 -8.01 10.06
CA THR B 86 -2.39 -8.12 8.80
C THR B 86 -0.88 -8.00 8.92
N GLU B 87 -0.39 -7.21 9.89
CA GLU B 87 1.05 -7.05 10.04
C GLU B 87 1.72 -8.31 10.54
N MET B 88 0.96 -9.17 11.23
CA MET B 88 1.54 -10.39 11.78
C MET B 88 1.97 -11.36 10.68
N TRP B 89 1.51 -11.16 9.45
CA TRP B 89 1.91 -11.99 8.32
C TRP B 89 2.90 -11.30 7.41
N ASN B 90 3.17 -10.01 7.61
CA ASN B 90 4.13 -9.30 6.80
C ASN B 90 5.56 -9.69 7.20
N PRO B 91 6.54 -9.46 6.31
CA PRO B 91 7.91 -9.85 6.62
C PRO B 91 8.44 -9.14 7.85
N ASN B 92 9.16 -9.90 8.68
CA ASN B 92 9.83 -9.35 9.86
C ASN B 92 11.35 -9.32 9.70
N ARG B 93 11.86 -9.59 8.50
CA ARG B 93 13.26 -9.44 8.17
C ARG B 93 13.37 -8.73 6.83
N GLU B 94 14.60 -8.33 6.49
CA GLU B 94 14.83 -7.60 5.25
C GLU B 94 14.57 -8.51 4.04
N LEU B 95 14.05 -7.89 2.97
CA LEU B 95 13.77 -8.63 1.75
C LEU B 95 15.03 -8.79 0.92
N SER B 96 15.19 -9.97 0.34
CA SER B 96 16.34 -10.26 -0.51
C SER B 96 16.08 -11.55 -1.28
N GLU B 97 16.60 -11.60 -2.51
CA GLU B 97 16.57 -12.85 -3.25
C GLU B 97 17.47 -13.90 -2.62
N ASP B 98 18.46 -13.49 -1.84
CA ASP B 98 19.28 -14.40 -1.04
C ASP B 98 18.47 -14.75 0.20
N CYS B 99 17.62 -15.77 0.07
CA CYS B 99 16.70 -16.13 1.15
C CYS B 99 16.56 -17.63 1.38
N LEU B 100 17.17 -18.49 0.57
CA LEU B 100 17.02 -19.93 0.70
C LEU B 100 17.78 -20.40 1.94
N TYR B 101 17.12 -20.28 3.09
CA TYR B 101 17.65 -20.72 4.37
C TYR B 101 16.57 -21.48 5.13
N LEU B 102 17.00 -22.36 6.03
CA LEU B 102 16.09 -23.13 6.85
C LEU B 102 16.49 -23.01 8.31
N ASN B 103 15.57 -23.42 9.19
CA ASN B 103 15.77 -23.33 10.64
C ASN B 103 15.43 -24.68 11.26
N VAL B 104 16.17 -25.04 12.30
CA VAL B 104 16.00 -26.31 13.01
C VAL B 104 15.90 -26.03 14.50
N TRP B 105 14.86 -26.55 15.13
CA TRP B 105 14.70 -26.52 16.57
C TRP B 105 14.85 -27.95 17.10
N THR B 106 15.64 -28.11 18.16
CA THR B 106 15.88 -29.41 18.76
C THR B 106 15.86 -29.28 20.27
N PRO B 107 15.37 -30.30 20.98
CA PRO B 107 15.27 -30.21 22.44
C PRO B 107 16.64 -30.17 23.09
N TYR B 108 16.66 -29.63 24.31
CA TYR B 108 17.87 -29.59 25.14
C TYR B 108 17.61 -30.36 26.43
N PRO B 109 18.38 -31.40 26.75
CA PRO B 109 19.52 -31.88 25.95
C PRO B 109 19.10 -32.60 24.67
N ARG B 110 20.01 -32.68 23.72
CA ARG B 110 19.70 -33.33 22.45
C ARG B 110 19.28 -34.77 22.70
N PRO B 111 18.22 -35.24 22.05
CA PRO B 111 17.77 -36.63 22.28
C PRO B 111 18.85 -37.62 21.85
N THR B 112 19.16 -38.54 22.76
CA THR B 112 20.15 -39.58 22.48
C THR B 112 19.61 -40.66 21.55
N SER B 113 18.30 -40.70 21.31
CA SER B 113 17.66 -41.62 20.38
C SER B 113 17.00 -40.85 19.24
N PRO B 114 16.85 -41.47 18.08
CA PRO B 114 16.22 -40.76 16.95
C PRO B 114 14.81 -40.28 17.29
N THR B 115 14.53 -39.03 16.94
CA THR B 115 13.26 -38.37 17.23
C THR B 115 12.53 -38.03 15.93
N PRO B 116 11.22 -38.24 15.87
CA PRO B 116 10.47 -37.86 14.66
C PRO B 116 10.60 -36.36 14.37
N VAL B 117 10.54 -36.04 13.08
CA VAL B 117 10.82 -34.68 12.60
C VAL B 117 9.53 -34.10 12.02
N LEU B 118 9.23 -32.86 12.41
CA LEU B 118 8.13 -32.09 11.85
C LEU B 118 8.70 -30.99 10.96
N VAL B 119 8.25 -30.95 9.70
CA VAL B 119 8.72 -29.98 8.73
C VAL B 119 7.54 -29.07 8.37
N TRP B 120 7.70 -27.77 8.59
CA TRP B 120 6.64 -26.79 8.41
C TRP B 120 6.85 -26.02 7.11
N ILE B 121 5.79 -25.92 6.31
CA ILE B 121 5.79 -25.13 5.09
C ILE B 121 4.72 -24.05 5.24
N TYR B 122 5.15 -22.79 5.23
CA TYR B 122 4.23 -21.69 5.47
C TYR B 122 3.34 -21.46 4.25
N GLY B 123 2.20 -20.81 4.50
CA GLY B 123 1.32 -20.37 3.46
C GLY B 123 1.47 -18.89 3.16
N GLY B 124 0.58 -18.39 2.30
CA GLY B 124 0.62 -17.01 1.87
C GLY B 124 0.28 -16.87 0.40
N GLY B 125 -0.61 -17.73 -0.08
CA GLY B 125 -1.07 -17.65 -1.45
C GLY B 125 0.01 -17.77 -2.50
N PHE B 126 1.12 -18.43 -2.17
CA PHE B 126 2.29 -18.59 -3.04
C PHE B 126 2.91 -17.27 -3.46
N TYR B 127 2.49 -16.16 -2.85
CA TYR B 127 3.06 -14.84 -3.15
C TYR B 127 3.71 -14.19 -1.95
N SER B 128 3.55 -14.73 -0.75
CA SER B 128 4.13 -14.14 0.46
C SER B 128 4.39 -15.25 1.46
N GLY B 129 4.88 -14.86 2.63
CA GLY B 129 5.17 -15.80 3.69
C GLY B 129 6.64 -15.86 4.05
N ALA B 130 6.93 -16.34 5.26
CA ALA B 130 8.30 -16.47 5.74
C ALA B 130 8.31 -17.42 6.92
N SER B 131 9.44 -18.09 7.11
CA SER B 131 9.56 -19.04 8.22
C SER B 131 9.96 -18.39 9.54
N SER B 132 10.26 -17.08 9.53
CA SER B 132 10.68 -16.39 10.74
C SER B 132 9.55 -15.65 11.44
N LEU B 133 8.32 -15.77 10.95
CA LEU B 133 7.20 -15.11 11.61
C LEU B 133 7.08 -15.60 13.04
N ASP B 134 6.77 -14.67 13.96
CA ASP B 134 6.68 -15.02 15.37
C ASP B 134 5.66 -16.12 15.62
N VAL B 135 4.62 -16.20 14.78
CA VAL B 135 3.59 -17.21 14.94
C VAL B 135 4.09 -18.60 14.53
N TYR B 136 5.21 -18.68 13.79
CA TYR B 136 5.80 -19.94 13.41
C TYR B 136 6.97 -20.34 14.30
N ASP B 137 7.10 -19.71 15.47
CA ASP B 137 8.19 -20.02 16.38
C ASP B 137 8.00 -21.42 16.97
N GLY B 138 8.91 -22.33 16.66
CA GLY B 138 8.78 -23.71 17.08
C GLY B 138 9.49 -24.05 18.37
N ARG B 139 9.65 -23.07 19.27
CA ARG B 139 10.32 -23.34 20.53
C ARG B 139 9.38 -23.98 21.55
N PHE B 140 8.07 -23.73 21.43
CA PHE B 140 7.14 -24.28 22.39
C PHE B 140 6.72 -25.70 22.02
N LEU B 141 6.60 -25.97 20.71
CA LEU B 141 6.24 -27.31 20.27
C LEU B 141 7.40 -28.29 20.49
N VAL B 142 8.64 -27.81 20.39
CA VAL B 142 9.78 -28.68 20.60
C VAL B 142 10.03 -28.95 22.08
N GLN B 143 9.78 -27.95 22.93
CA GLN B 143 10.01 -28.13 24.36
C GLN B 143 8.96 -29.05 24.97
N ALA B 144 7.70 -28.86 24.62
CA ALA B 144 6.61 -29.60 25.27
C ALA B 144 6.58 -31.06 24.82
N GLU B 145 6.75 -31.30 23.52
CA GLU B 145 6.60 -32.63 22.97
C GLU B 145 7.93 -33.30 22.62
N ARG B 146 9.04 -32.59 22.78
CA ARG B 146 10.39 -33.13 22.60
C ARG B 146 10.54 -33.77 21.22
N THR B 147 10.27 -32.96 20.20
CA THR B 147 10.43 -33.36 18.81
C THR B 147 11.43 -32.43 18.11
N VAL B 148 11.69 -32.71 16.84
CA VAL B 148 12.58 -31.90 16.03
C VAL B 148 11.73 -31.20 14.97
N LEU B 149 11.75 -29.87 14.98
CA LEU B 149 10.96 -29.06 14.05
C LEU B 149 11.90 -28.37 13.07
N VAL B 150 11.57 -28.46 11.78
CA VAL B 150 12.35 -27.83 10.72
C VAL B 150 11.40 -26.98 9.88
N SER B 151 11.86 -25.80 9.48
CA SER B 151 11.11 -24.92 8.60
C SER B 151 12.07 -24.26 7.63
N MET B 152 11.63 -24.11 6.38
CA MET B 152 12.47 -23.54 5.33
C MET B 152 11.81 -22.32 4.71
N ASN B 153 12.59 -21.61 3.91
CA ASN B 153 12.10 -20.51 3.10
C ASN B 153 12.13 -20.94 1.63
N TYR B 154 11.02 -20.74 0.95
CA TYR B 154 10.95 -20.99 -0.48
C TYR B 154 10.54 -19.72 -1.20
N ARG B 155 11.04 -19.58 -2.43
CA ARG B 155 10.75 -18.38 -3.22
C ARG B 155 9.27 -18.31 -3.57
N VAL B 156 8.67 -17.15 -3.37
CA VAL B 156 7.26 -16.94 -3.68
C VAL B 156 7.15 -15.96 -4.83
N GLY B 157 5.91 -15.73 -5.30
CA GLY B 157 5.70 -14.76 -6.35
C GLY B 157 6.30 -15.18 -7.67
N ALA B 158 6.70 -14.18 -8.46
CA ALA B 158 7.33 -14.46 -9.75
C ALA B 158 8.68 -15.13 -9.59
N PHE B 159 9.40 -14.84 -8.50
CA PHE B 159 10.72 -15.42 -8.28
C PHE B 159 10.66 -16.91 -7.99
N GLY B 160 9.47 -17.45 -7.71
CA GLY B 160 9.35 -18.86 -7.38
C GLY B 160 8.37 -19.62 -8.25
N PHE B 161 7.49 -18.90 -8.96
CA PHE B 161 6.46 -19.59 -9.72
C PHE B 161 6.14 -18.94 -11.06
N LEU B 162 6.96 -18.00 -11.55
CA LEU B 162 6.82 -17.55 -12.92
C LEU B 162 7.27 -18.65 -13.86
N ALA B 163 6.40 -19.04 -14.79
CA ALA B 163 6.66 -20.19 -15.65
C ALA B 163 6.42 -19.80 -17.11
N LEU B 164 7.44 -20.00 -17.93
CA LEU B 164 7.30 -20.03 -19.39
C LEU B 164 7.41 -21.49 -19.81
N PRO B 165 6.29 -22.22 -19.87
CA PRO B 165 6.37 -23.68 -20.08
C PRO B 165 7.05 -24.03 -21.40
N GLY B 166 7.93 -25.03 -21.32
CA GLY B 166 8.68 -25.46 -22.49
C GLY B 166 10.13 -25.02 -22.44
N SER B 167 10.37 -23.79 -21.98
CA SER B 167 11.71 -23.25 -21.91
C SER B 167 12.44 -23.77 -20.68
N ARG B 168 13.76 -23.60 -20.67
CA ARG B 168 14.60 -24.00 -19.55
C ARG B 168 15.08 -22.83 -18.71
N GLU B 169 14.89 -21.59 -19.16
CA GLU B 169 15.26 -20.44 -18.35
C GLU B 169 14.23 -20.12 -17.27
N ALA B 170 12.98 -20.51 -17.47
CA ALA B 170 11.92 -20.31 -16.47
C ALA B 170 10.94 -21.48 -16.56
N PRO B 171 11.33 -22.66 -16.06
CA PRO B 171 10.46 -23.83 -16.19
C PRO B 171 9.27 -23.79 -15.24
N GLY B 172 9.35 -23.08 -14.13
CA GLY B 172 8.27 -23.00 -13.18
C GLY B 172 8.41 -24.00 -12.05
N ASN B 173 7.58 -23.78 -11.01
CA ASN B 173 7.53 -24.63 -9.82
C ASN B 173 8.86 -24.68 -9.07
N VAL B 174 9.74 -23.71 -9.31
CA VAL B 174 11.03 -23.71 -8.63
C VAL B 174 10.85 -23.46 -7.14
N GLY B 175 9.77 -22.78 -6.75
CA GLY B 175 9.48 -22.65 -5.33
C GLY B 175 9.18 -23.99 -4.68
N LEU B 176 8.52 -24.88 -5.42
CA LEU B 176 8.33 -26.24 -4.94
C LEU B 176 9.65 -27.01 -4.90
N LEU B 177 10.57 -26.68 -5.82
CA LEU B 177 11.88 -27.32 -5.81
C LEU B 177 12.72 -26.82 -4.65
N ASP B 178 12.53 -25.57 -4.23
CA ASP B 178 13.18 -25.10 -3.00
C ASP B 178 12.76 -25.93 -1.80
N GLN B 179 11.46 -26.26 -1.71
CA GLN B 179 10.98 -27.10 -0.63
C GLN B 179 11.55 -28.51 -0.73
N ARG B 180 11.62 -29.05 -1.94
CA ARG B 180 12.14 -30.41 -2.12
C ARG B 180 13.61 -30.49 -1.73
N LEU B 181 14.41 -29.53 -2.17
CA LEU B 181 15.83 -29.50 -1.79
C LEU B 181 15.99 -29.38 -0.28
N ALA B 182 15.09 -28.64 0.38
CA ALA B 182 15.13 -28.57 1.84
C ALA B 182 14.75 -29.91 2.46
N LEU B 183 13.93 -30.71 1.78
CA LEU B 183 13.58 -32.02 2.31
C LEU B 183 14.74 -33.00 2.16
N GLN B 184 15.46 -32.93 1.04
CA GLN B 184 16.67 -33.72 0.90
C GLN B 184 17.72 -33.31 1.92
N TRP B 185 17.74 -32.04 2.31
CA TRP B 185 18.65 -31.59 3.35
C TRP B 185 18.32 -32.25 4.69
N VAL B 186 17.02 -32.38 5.00
CA VAL B 186 16.61 -33.02 6.24
C VAL B 186 17.02 -34.50 6.23
N GLN B 187 16.90 -35.15 5.08
CA GLN B 187 17.28 -36.55 4.99
C GLN B 187 18.78 -36.74 5.17
N GLU B 188 19.58 -35.72 4.86
CA GLU B 188 21.04 -35.84 4.90
C GLU B 188 21.66 -35.25 6.15
N ASN B 189 20.91 -34.52 6.98
CA ASN B 189 21.53 -33.82 8.09
C ASN B 189 20.72 -33.77 9.38
N VAL B 190 19.44 -34.18 9.38
CA VAL B 190 18.65 -34.05 10.60
C VAL B 190 19.12 -35.00 11.69
N ALA B 191 19.89 -36.04 11.33
CA ALA B 191 20.42 -36.94 12.35
C ALA B 191 21.42 -36.24 13.24
N ALA B 192 22.12 -35.22 12.72
CA ALA B 192 23.07 -34.47 13.52
C ALA B 192 22.40 -33.64 14.60
N PHE B 193 21.08 -33.44 14.52
CA PHE B 193 20.32 -32.71 15.52
C PHE B 193 19.47 -33.63 16.39
N GLY B 194 19.63 -34.94 16.24
CA GLY B 194 18.84 -35.90 16.98
C GLY B 194 17.53 -36.31 16.33
N GLY B 195 17.37 -36.04 15.04
CA GLY B 195 16.14 -36.33 14.35
C GLY B 195 16.20 -37.65 13.59
N ASP B 196 15.03 -38.27 13.42
CA ASP B 196 14.93 -39.54 12.72
C ASP B 196 14.55 -39.28 11.27
N PRO B 197 15.46 -39.48 10.30
CA PRO B 197 15.09 -39.28 8.89
C PRO B 197 14.11 -40.32 8.36
N THR B 198 13.80 -41.35 9.13
CA THR B 198 12.81 -42.35 8.71
C THR B 198 11.42 -42.05 9.25
N SER B 199 11.23 -40.90 9.90
CA SER B 199 9.93 -40.48 10.44
C SER B 199 9.82 -38.97 10.25
N VAL B 200 9.51 -38.56 9.03
CA VAL B 200 9.38 -37.14 8.67
C VAL B 200 7.90 -36.86 8.41
N THR B 201 7.38 -35.83 9.06
CA THR B 201 5.98 -35.44 8.92
C THR B 201 5.91 -34.01 8.39
N LEU B 202 5.43 -33.85 7.16
CA LEU B 202 5.17 -32.53 6.61
C LEU B 202 3.87 -31.98 7.15
N PHE B 203 3.85 -30.67 7.41
CA PHE B 203 2.60 -30.01 7.77
C PHE B 203 2.68 -28.55 7.38
N GLY B 204 1.61 -28.05 6.77
CA GLY B 204 1.54 -26.67 6.33
C GLY B 204 0.12 -26.17 6.35
N GLU B 205 -0.03 -24.90 6.02
CA GLU B 205 -1.34 -24.24 6.07
C GLU B 205 -1.50 -23.37 4.83
N SER B 206 -2.72 -23.35 4.30
CA SER B 206 -3.09 -22.56 3.12
C SER B 206 -2.21 -23.00 1.95
N ALA B 207 -1.40 -22.11 1.36
CA ALA B 207 -0.54 -22.52 0.25
C ALA B 207 0.49 -23.54 0.69
N GLY B 208 0.85 -23.56 1.98
CA GLY B 208 1.72 -24.61 2.47
C GLY B 208 1.04 -25.96 2.54
N ALA B 209 -0.26 -25.97 2.84
CA ALA B 209 -1.01 -27.23 2.81
C ALA B 209 -1.15 -27.75 1.39
N ALA B 210 -1.37 -26.86 0.42
CA ALA B 210 -1.38 -27.28 -0.97
C ALA B 210 0.00 -27.77 -1.41
N SER B 211 1.06 -27.14 -0.89
CA SER B 211 2.41 -27.60 -1.21
C SER B 211 2.65 -29.02 -0.67
N VAL B 212 2.19 -29.30 0.54
CA VAL B 212 2.28 -30.65 1.08
C VAL B 212 1.54 -31.64 0.19
N GLY B 213 0.36 -31.24 -0.31
CA GLY B 213 -0.39 -32.12 -1.20
C GLY B 213 0.31 -32.35 -2.53
N MET B 214 1.01 -31.33 -3.04
CA MET B 214 1.70 -31.50 -4.32
C MET B 214 2.94 -32.36 -4.18
N HIS B 215 3.62 -32.31 -3.03
CA HIS B 215 4.71 -33.26 -2.77
C HIS B 215 4.19 -34.68 -2.60
N LEU B 216 2.92 -34.83 -2.22
CA LEU B 216 2.31 -36.15 -2.11
C LEU B 216 2.03 -36.76 -3.47
N LEU B 217 1.86 -35.94 -4.51
CA LEU B 217 1.56 -36.40 -5.86
C LEU B 217 2.78 -36.39 -6.77
N SER B 218 3.97 -36.10 -6.24
CA SER B 218 5.19 -36.09 -7.03
C SER B 218 6.09 -37.23 -6.58
N PRO B 219 6.48 -38.13 -7.48
CA PRO B 219 7.29 -39.29 -7.07
C PRO B 219 8.60 -38.92 -6.41
N PRO B 220 9.38 -37.96 -6.96
CA PRO B 220 10.67 -37.66 -6.32
C PRO B 220 10.53 -37.12 -4.90
N SER B 221 9.58 -36.22 -4.66
CA SER B 221 9.33 -35.73 -3.30
C SER B 221 8.66 -36.77 -2.42
N ARG B 222 8.09 -37.83 -3.00
CA ARG B 222 7.34 -38.80 -2.22
C ARG B 222 8.22 -39.53 -1.23
N GLY B 223 9.44 -39.90 -1.64
CA GLY B 223 10.33 -40.65 -0.80
C GLY B 223 11.08 -39.87 0.26
N LEU B 224 10.73 -38.60 0.48
CA LEU B 224 11.44 -37.77 1.45
C LEU B 224 10.68 -37.57 2.75
N PHE B 225 9.43 -38.04 2.83
CA PHE B 225 8.65 -37.92 4.05
C PHE B 225 7.72 -39.13 4.14
N HIS B 226 7.06 -39.25 5.29
CA HIS B 226 6.23 -40.41 5.59
C HIS B 226 4.82 -40.07 6.04
N ARG B 227 4.57 -38.87 6.53
CA ARG B 227 3.23 -38.45 6.94
C ARG B 227 2.99 -37.02 6.47
N ALA B 228 1.73 -36.63 6.44
CA ALA B 228 1.34 -35.33 5.91
C ALA B 228 0.20 -34.76 6.74
N VAL B 229 0.21 -33.43 6.89
CA VAL B 229 -0.86 -32.70 7.56
C VAL B 229 -1.19 -31.49 6.71
N LEU B 230 -2.43 -31.43 6.22
CA LEU B 230 -2.90 -30.33 5.38
C LEU B 230 -3.92 -29.51 6.16
N GLN B 231 -3.58 -28.25 6.45
CA GLN B 231 -4.42 -27.37 7.24
C GLN B 231 -4.99 -26.29 6.33
N SER B 232 -6.30 -26.34 6.10
CA SER B 232 -7.03 -25.30 5.35
C SER B 232 -6.42 -25.10 3.96
N GLY B 233 -6.20 -26.20 3.25
CA GLY B 233 -5.64 -26.11 1.91
C GLY B 233 -5.51 -27.49 1.30
N ALA B 234 -5.46 -27.51 -0.03
CA ALA B 234 -5.40 -28.74 -0.79
C ALA B 234 -4.83 -28.43 -2.16
N PRO B 235 -4.12 -29.39 -2.79
CA PRO B 235 -3.54 -29.11 -4.11
C PRO B 235 -4.57 -29.03 -5.22
N ASN B 236 -5.75 -29.60 -5.04
CA ASN B 236 -6.80 -29.57 -6.05
C ASN B 236 -7.68 -28.34 -5.97
N GLY B 237 -7.34 -27.38 -5.09
CA GLY B 237 -8.09 -26.16 -4.97
C GLY B 237 -8.03 -25.33 -6.25
N PRO B 238 -9.10 -24.58 -6.54
CA PRO B 238 -9.15 -23.82 -7.80
C PRO B 238 -8.10 -22.73 -7.89
N TRP B 239 -7.41 -22.42 -6.80
CA TRP B 239 -6.40 -21.38 -6.77
C TRP B 239 -4.97 -21.92 -6.74
N ALA B 240 -4.80 -23.21 -6.45
CA ALA B 240 -3.47 -23.74 -6.17
C ALA B 240 -2.63 -23.96 -7.43
N THR B 241 -3.26 -24.28 -8.56
CA THR B 241 -2.54 -24.54 -9.79
C THR B 241 -3.08 -23.65 -10.91
N VAL B 242 -2.38 -23.67 -12.04
CA VAL B 242 -2.75 -22.88 -13.21
C VAL B 242 -2.30 -23.65 -14.45
N GLY B 243 -2.96 -23.36 -15.58
CA GLY B 243 -2.61 -24.02 -16.81
C GLY B 243 -1.35 -23.47 -17.45
N MET B 244 -0.78 -24.27 -18.36
CA MET B 244 0.44 -23.84 -19.05
C MET B 244 0.17 -22.62 -19.92
N GLY B 245 -0.99 -22.55 -20.56
CA GLY B 245 -1.31 -21.40 -21.38
C GLY B 245 -1.53 -20.14 -20.57
N GLU B 246 -2.25 -20.26 -19.46
CA GLU B 246 -2.47 -19.10 -18.60
C GLU B 246 -1.18 -18.64 -17.94
N ALA B 247 -0.29 -19.58 -17.58
CA ALA B 247 0.99 -19.21 -17.00
C ALA B 247 1.84 -18.43 -17.98
N ARG B 248 1.80 -18.81 -19.26
CA ARG B 248 2.54 -18.07 -20.26
C ARG B 248 1.97 -16.67 -20.47
N ARG B 249 0.64 -16.54 -20.41
CA ARG B 249 0.03 -15.23 -20.56
C ARG B 249 0.37 -14.31 -19.40
N ARG B 250 0.37 -14.85 -18.17
CA ARG B 250 0.69 -14.04 -17.01
C ARG B 250 2.16 -13.64 -17.00
N ALA B 251 3.05 -14.56 -17.39
CA ALA B 251 4.47 -14.24 -17.43
C ALA B 251 4.76 -13.19 -18.49
N THR B 252 4.14 -13.31 -19.67
CA THR B 252 4.34 -12.32 -20.72
C THR B 252 3.71 -10.99 -20.35
N GLN B 253 2.56 -11.02 -19.68
CA GLN B 253 1.93 -9.79 -19.22
C GLN B 253 2.82 -9.06 -18.22
N LEU B 254 3.45 -9.79 -17.31
CA LEU B 254 4.36 -9.17 -16.35
C LEU B 254 5.57 -8.57 -17.05
N ALA B 255 6.11 -9.27 -18.04
CA ALA B 255 7.28 -8.75 -18.76
C ALA B 255 6.94 -7.47 -19.50
N HIS B 256 5.73 -7.38 -20.07
CA HIS B 256 5.33 -6.18 -20.79
C HIS B 256 5.23 -4.98 -19.85
N LEU B 257 4.73 -5.19 -18.63
CA LEU B 257 4.55 -4.08 -17.70
C LEU B 257 5.86 -3.52 -17.18
N VAL B 258 6.96 -4.26 -17.31
CA VAL B 258 8.27 -3.81 -16.85
C VAL B 258 9.20 -3.51 -18.02
N GLY B 259 8.66 -3.42 -19.23
CA GLY B 259 9.48 -3.07 -20.39
C GLY B 259 10.26 -4.21 -20.99
N CYS B 260 9.66 -5.41 -21.06
CA CYS B 260 10.31 -6.56 -21.65
C CYS B 260 9.35 -7.22 -22.64
N PRO B 261 9.76 -7.42 -23.90
CA PRO B 261 11.07 -7.00 -24.43
C PRO B 261 11.07 -5.54 -24.88
N PRO B 262 12.25 -4.95 -25.07
CA PRO B 262 12.31 -3.58 -25.57
C PRO B 262 11.65 -3.45 -26.93
N GLY B 263 11.18 -2.25 -27.24
CA GLY B 263 10.50 -1.99 -28.49
C GLY B 263 11.36 -2.26 -29.72
N GLY B 264 10.95 -3.23 -30.53
CA GLY B 264 11.70 -3.63 -31.70
C GLY B 264 12.48 -4.92 -31.56
N THR B 265 12.38 -5.59 -30.41
CA THR B 265 13.08 -6.83 -30.16
C THR B 265 12.09 -7.99 -30.17
N GLY B 266 12.54 -9.13 -30.68
CA GLY B 266 11.69 -10.32 -30.71
C GLY B 266 11.29 -10.76 -29.31
N GLY B 267 10.26 -11.60 -29.27
CA GLY B 267 9.71 -12.04 -28.00
C GLY B 267 9.74 -13.53 -27.75
N ASN B 268 10.90 -14.16 -27.97
CA ASN B 268 11.04 -15.56 -27.61
C ASN B 268 11.34 -15.69 -26.12
N ASP B 269 11.28 -16.94 -25.63
CA ASP B 269 11.39 -17.18 -24.20
C ASP B 269 12.78 -16.82 -23.67
N THR B 270 13.82 -17.06 -24.47
CA THR B 270 15.18 -16.80 -24.01
C THR B 270 15.42 -15.31 -23.78
N GLU B 271 15.03 -14.48 -24.74
CA GLU B 271 15.21 -13.04 -24.60
C GLU B 271 14.23 -12.42 -23.62
N LEU B 272 13.09 -13.08 -23.37
CA LEU B 272 12.12 -12.54 -22.42
C LEU B 272 12.62 -12.71 -20.99
N VAL B 273 13.11 -13.91 -20.65
CA VAL B 273 13.65 -14.14 -19.31
C VAL B 273 14.95 -13.35 -19.13
N ALA B 274 15.74 -13.21 -20.18
CA ALA B 274 16.99 -12.44 -20.07
C ALA B 274 16.70 -10.99 -19.72
N CYS B 275 15.61 -10.44 -20.26
CA CYS B 275 15.22 -9.08 -19.92
C CYS B 275 14.67 -9.00 -18.50
N LEU B 276 13.94 -10.03 -18.07
CA LEU B 276 13.38 -10.04 -16.72
C LEU B 276 14.47 -10.17 -15.66
N ARG B 277 15.58 -10.86 -15.98
CA ARG B 277 16.63 -11.04 -15.00
C ARG B 277 17.42 -9.76 -14.74
N THR B 278 17.36 -8.79 -15.66
CA THR B 278 18.05 -7.52 -15.45
C THR B 278 17.26 -6.55 -14.60
N ARG B 279 15.95 -6.75 -14.46
CA ARG B 279 15.13 -5.82 -13.70
C ARG B 279 15.36 -6.02 -12.20
N PRO B 280 15.26 -4.95 -11.41
CA PRO B 280 15.33 -5.09 -9.95
C PRO B 280 14.18 -5.94 -9.44
N ALA B 281 14.40 -6.54 -8.26
CA ALA B 281 13.40 -7.43 -7.69
C ALA B 281 12.12 -6.67 -7.36
N GLN B 282 12.24 -5.45 -6.82
CA GLN B 282 11.05 -4.69 -6.42
C GLN B 282 10.21 -4.27 -7.61
N VAL B 283 10.82 -4.11 -8.78
CA VAL B 283 10.07 -3.73 -9.97
C VAL B 283 9.10 -4.83 -10.37
N LEU B 284 9.53 -6.09 -10.29
CA LEU B 284 8.64 -7.20 -10.61
C LEU B 284 7.52 -7.33 -9.58
N VAL B 285 7.79 -7.00 -8.32
CA VAL B 285 6.78 -7.14 -7.29
C VAL B 285 5.68 -6.09 -7.46
N ASN B 286 6.05 -4.89 -7.91
CA ASN B 286 5.10 -3.80 -8.02
C ASN B 286 4.01 -4.06 -9.07
N HIS B 287 4.26 -4.97 -10.01
CA HIS B 287 3.28 -5.30 -11.04
C HIS B 287 2.78 -6.74 -10.92
N GLU B 288 2.92 -7.35 -9.75
CA GLU B 288 2.55 -8.76 -9.59
C GLU B 288 1.04 -8.94 -9.68
N TRP B 289 0.27 -8.06 -9.06
CA TRP B 289 -1.18 -8.19 -9.03
C TRP B 289 -1.86 -7.66 -10.30
N HIS B 290 -1.12 -6.98 -11.17
CA HIS B 290 -1.69 -6.42 -12.39
C HIS B 290 -1.80 -7.43 -13.52
N VAL B 291 -1.47 -8.70 -13.28
CA VAL B 291 -1.56 -9.73 -14.30
C VAL B 291 -2.75 -10.65 -14.08
N LEU B 292 -3.47 -10.53 -12.97
CA LEU B 292 -4.68 -11.32 -12.77
C LEU B 292 -5.73 -10.91 -13.80
N PRO B 293 -6.53 -11.86 -14.29
CA PRO B 293 -7.46 -11.54 -15.38
C PRO B 293 -8.68 -10.74 -14.95
N GLN B 294 -9.22 -11.01 -13.75
CA GLN B 294 -10.48 -10.41 -13.33
C GLN B 294 -10.41 -10.00 -11.86
N GLU B 295 -11.36 -9.15 -11.47
CA GLU B 295 -11.56 -8.83 -10.06
C GLU B 295 -11.97 -10.08 -9.31
N SER B 296 -11.17 -10.49 -8.33
CA SER B 296 -11.44 -11.73 -7.62
C SER B 296 -10.76 -11.71 -6.26
N VAL B 297 -11.29 -12.55 -5.37
CA VAL B 297 -10.65 -12.84 -4.10
C VAL B 297 -10.20 -14.29 -4.12
N PHE B 298 -9.21 -14.60 -3.29
CA PHE B 298 -8.63 -15.94 -3.19
C PHE B 298 -8.07 -16.42 -4.53
N ARG B 299 -7.52 -15.48 -5.31
CA ARG B 299 -6.82 -15.80 -6.54
C ARG B 299 -5.48 -15.09 -6.54
N PHE B 300 -4.44 -15.78 -7.00
CA PHE B 300 -3.08 -15.27 -6.93
C PHE B 300 -2.39 -15.43 -8.28
N SER B 301 -1.45 -14.52 -8.56
CA SER B 301 -0.89 -14.39 -9.90
C SER B 301 -0.05 -15.62 -10.28
N PHE B 302 1.02 -15.86 -9.53
CA PHE B 302 1.99 -16.89 -9.88
C PHE B 302 1.89 -18.04 -8.89
N VAL B 303 1.33 -19.16 -9.34
CA VAL B 303 1.10 -20.34 -8.52
C VAL B 303 1.76 -21.52 -9.22
N PRO B 304 1.83 -22.71 -8.59
CA PRO B 304 2.35 -23.89 -9.31
C PRO B 304 1.61 -24.11 -10.62
N VAL B 305 2.33 -24.63 -11.61
CA VAL B 305 1.79 -24.86 -12.94
C VAL B 305 1.82 -26.36 -13.24
N VAL B 306 0.76 -26.84 -13.89
CA VAL B 306 0.69 -28.23 -14.36
C VAL B 306 1.56 -28.31 -15.62
N ASP B 307 2.76 -28.87 -15.48
CA ASP B 307 3.76 -28.82 -16.54
C ASP B 307 4.22 -30.18 -17.03
N GLY B 308 3.74 -31.27 -16.42
CA GLY B 308 4.16 -32.60 -16.80
C GLY B 308 5.46 -33.06 -16.16
N ASP B 309 6.18 -32.17 -15.48
CA ASP B 309 7.43 -32.54 -14.82
C ASP B 309 7.18 -32.78 -13.34
N PHE B 310 7.09 -31.70 -12.55
CA PHE B 310 6.79 -31.83 -11.13
C PHE B 310 5.40 -32.42 -10.94
N LEU B 311 4.43 -31.99 -11.74
CA LEU B 311 3.07 -32.52 -11.74
C LEU B 311 2.82 -33.13 -13.11
N SER B 312 2.89 -34.47 -13.18
CA SER B 312 2.70 -35.14 -14.47
C SER B 312 1.31 -34.90 -15.04
N ASP B 313 0.33 -34.64 -14.18
CA ASP B 313 -1.02 -34.31 -14.61
C ASP B 313 -1.62 -33.35 -13.59
N THR B 314 -2.87 -32.97 -13.82
CA THR B 314 -3.56 -32.09 -12.88
C THR B 314 -3.67 -32.78 -11.52
N PRO B 315 -3.69 -32.00 -10.42
CA PRO B 315 -3.83 -32.63 -9.10
C PRO B 315 -5.07 -33.49 -8.97
N GLU B 316 -6.20 -33.05 -9.50
CA GLU B 316 -7.43 -33.86 -9.44
C GLU B 316 -7.22 -35.22 -10.09
N ALA B 317 -6.54 -35.26 -11.24
CA ALA B 317 -6.30 -36.53 -11.92
C ALA B 317 -5.36 -37.42 -11.12
N LEU B 318 -4.30 -36.83 -10.53
CA LEU B 318 -3.35 -37.62 -9.77
C LEU B 318 -3.95 -38.16 -8.47
N ILE B 319 -4.87 -37.41 -7.86
CA ILE B 319 -5.53 -37.88 -6.65
C ILE B 319 -6.46 -39.05 -6.96
N ASN B 320 -7.16 -38.99 -8.09
CA ASN B 320 -8.10 -40.05 -8.43
C ASN B 320 -7.39 -41.35 -8.77
N ALA B 321 -6.30 -41.28 -9.55
CA ALA B 321 -5.57 -42.46 -9.99
C ALA B 321 -4.31 -42.69 -9.18
N GLY B 322 -4.41 -42.61 -7.86
CA GLY B 322 -3.26 -42.76 -6.99
C GLY B 322 -3.48 -43.80 -5.92
N ASP B 323 -2.39 -44.47 -5.55
CA ASP B 323 -2.38 -45.46 -4.49
C ASP B 323 -1.71 -44.85 -3.26
N PHE B 324 -2.45 -44.77 -2.16
CA PHE B 324 -1.97 -44.12 -0.95
C PHE B 324 -1.94 -45.08 0.25
N HIS B 325 -1.69 -46.36 0.00
CA HIS B 325 -1.58 -47.32 1.09
C HIS B 325 -0.33 -47.06 1.92
N GLY B 326 -0.44 -47.33 3.22
CA GLY B 326 0.66 -47.11 4.13
C GLY B 326 1.03 -45.64 4.25
N LEU B 327 0.02 -44.81 4.48
CA LEU B 327 0.20 -43.36 4.46
C LEU B 327 -0.87 -42.73 5.34
N GLN B 328 -0.46 -41.88 6.27
CA GLN B 328 -1.37 -41.24 7.22
C GLN B 328 -1.40 -39.74 6.94
N VAL B 329 -2.60 -39.16 6.92
CA VAL B 329 -2.80 -37.75 6.65
C VAL B 329 -3.74 -37.17 7.70
N LEU B 330 -3.46 -35.93 8.12
CA LEU B 330 -4.32 -35.20 9.05
C LEU B 330 -4.79 -33.93 8.34
N VAL B 331 -6.05 -33.92 7.90
CA VAL B 331 -6.61 -32.78 7.20
C VAL B 331 -7.61 -32.08 8.11
N GLY B 332 -7.91 -30.82 7.78
CA GLY B 332 -8.87 -30.07 8.54
C GLY B 332 -8.94 -28.63 8.06
N VAL B 333 -9.99 -27.95 8.51
CA VAL B 333 -10.25 -26.56 8.16
C VAL B 333 -10.69 -25.82 9.42
N VAL B 334 -10.80 -24.50 9.30
CA VAL B 334 -11.33 -23.69 10.39
C VAL B 334 -12.82 -23.50 10.18
N LYS B 335 -13.48 -22.79 11.10
CA LYS B 335 -14.93 -22.64 11.01
C LYS B 335 -15.34 -21.66 9.90
N ASP B 336 -14.62 -20.56 9.75
CA ASP B 336 -14.96 -19.51 8.78
C ASP B 336 -13.80 -19.31 7.83
N GLU B 337 -13.76 -20.14 6.77
CA GLU B 337 -12.63 -20.15 5.86
C GLU B 337 -12.62 -18.95 4.91
N GLY B 338 -13.77 -18.33 4.66
CA GLY B 338 -13.85 -17.32 3.62
C GLY B 338 -13.94 -15.89 4.09
N SER B 339 -14.18 -15.68 5.39
CA SER B 339 -14.41 -14.34 5.88
C SER B 339 -13.18 -13.45 5.73
N TYR B 340 -11.98 -14.05 5.79
CA TYR B 340 -10.75 -13.27 5.75
C TYR B 340 -10.57 -12.59 4.40
N PHE B 341 -10.97 -13.24 3.31
CA PHE B 341 -10.72 -12.75 1.97
C PHE B 341 -11.78 -11.79 1.47
N LEU B 342 -12.91 -11.64 2.18
CA LEU B 342 -13.98 -10.78 1.72
C LEU B 342 -13.64 -9.29 1.84
N VAL B 343 -12.69 -8.93 2.69
CA VAL B 343 -12.30 -7.53 2.86
C VAL B 343 -11.19 -7.19 1.87
N TYR B 344 -11.00 -8.04 0.86
CA TYR B 344 -9.96 -7.84 -0.14
C TYR B 344 -10.55 -7.69 -1.55
N GLY B 345 -11.78 -7.21 -1.65
CA GLY B 345 -12.37 -6.98 -2.96
C GLY B 345 -13.87 -7.13 -3.04
N ALA B 346 -14.46 -7.90 -2.12
CA ALA B 346 -15.90 -8.12 -2.15
C ALA B 346 -16.63 -6.81 -1.84
N PRO B 347 -17.60 -6.41 -2.66
CA PRO B 347 -18.27 -5.13 -2.44
C PRO B 347 -19.03 -5.09 -1.13
N GLY B 348 -18.99 -3.94 -0.46
CA GLY B 348 -19.71 -3.72 0.77
C GLY B 348 -19.06 -4.26 2.02
N PHE B 349 -17.91 -4.93 1.92
CA PHE B 349 -17.25 -5.54 3.05
C PHE B 349 -16.15 -4.63 3.59
N SER B 350 -16.13 -4.44 4.90
CA SER B 350 -15.12 -3.66 5.58
C SER B 350 -14.88 -4.27 6.96
N LYS B 351 -13.62 -4.30 7.38
CA LYS B 351 -13.31 -4.85 8.69
C LYS B 351 -13.69 -3.91 9.82
N ASP B 352 -14.00 -2.65 9.52
CA ASP B 352 -14.30 -1.65 10.54
C ASP B 352 -15.79 -1.46 10.79
N ASN B 353 -16.65 -2.18 10.06
CA ASN B 353 -18.07 -2.17 10.37
C ASN B 353 -18.63 -3.59 10.36
N GLU B 354 -19.96 -3.73 10.39
CA GLU B 354 -20.59 -5.04 10.47
C GLU B 354 -20.70 -5.73 9.12
N SER B 355 -20.40 -5.03 8.02
CA SER B 355 -20.45 -5.60 6.68
C SER B 355 -21.82 -6.22 6.38
N LEU B 356 -22.88 -5.50 6.75
CA LEU B 356 -24.25 -5.94 6.47
C LEU B 356 -24.57 -5.60 5.03
N ILE B 357 -24.16 -6.50 4.12
CA ILE B 357 -24.29 -6.23 2.69
C ILE B 357 -25.74 -6.38 2.26
N SER B 358 -26.05 -5.83 1.08
CA SER B 358 -27.39 -5.90 0.53
C SER B 358 -27.50 -7.07 -0.44
N ARG B 359 -28.71 -7.25 -0.99
CA ARG B 359 -28.92 -8.32 -1.98
C ARG B 359 -28.12 -8.06 -3.25
N ALA B 360 -28.00 -6.79 -3.64
CA ALA B 360 -27.25 -6.46 -4.85
C ALA B 360 -25.76 -6.68 -4.66
N GLU B 361 -25.23 -6.29 -3.49
CA GLU B 361 -23.81 -6.52 -3.21
C GLU B 361 -23.50 -7.99 -3.08
N PHE B 362 -24.42 -8.78 -2.52
CA PHE B 362 -24.23 -10.22 -2.43
C PHE B 362 -24.16 -10.85 -3.80
N LEU B 363 -24.99 -10.38 -4.75
CA LEU B 363 -24.94 -10.91 -6.10
C LEU B 363 -23.65 -10.51 -6.81
N ALA B 364 -23.12 -9.32 -6.50
CA ALA B 364 -21.85 -8.91 -7.10
C ALA B 364 -20.68 -9.66 -6.47
N GLY B 365 -20.76 -9.95 -5.17
CA GLY B 365 -19.70 -10.68 -4.50
C GLY B 365 -19.54 -12.10 -4.99
N VAL B 366 -20.65 -12.72 -5.44
CA VAL B 366 -20.57 -14.08 -5.97
C VAL B 366 -19.69 -14.11 -7.22
N ARG B 367 -19.79 -13.08 -8.06
CA ARG B 367 -18.94 -13.03 -9.25
C ARG B 367 -17.49 -12.77 -8.88
N VAL B 368 -17.24 -12.10 -7.75
CA VAL B 368 -15.88 -11.88 -7.29
C VAL B 368 -15.34 -13.11 -6.57
N GLY B 369 -16.18 -13.77 -5.77
CA GLY B 369 -15.74 -14.96 -5.06
C GLY B 369 -15.59 -16.17 -5.96
N VAL B 370 -16.42 -16.29 -6.99
CA VAL B 370 -16.34 -17.39 -7.94
C VAL B 370 -16.07 -16.82 -9.33
N PRO B 371 -14.83 -16.51 -9.66
CA PRO B 371 -14.54 -15.91 -10.98
C PRO B 371 -14.55 -16.95 -12.09
N GLN B 372 -14.83 -16.46 -13.30
CA GLN B 372 -14.81 -17.26 -14.52
C GLN B 372 -15.81 -18.43 -14.44
N VAL B 373 -17.07 -18.08 -14.23
CA VAL B 373 -18.18 -19.02 -14.30
C VAL B 373 -19.31 -18.35 -15.08
N SER B 374 -20.06 -19.16 -15.82
CA SER B 374 -21.16 -18.64 -16.61
C SER B 374 -22.24 -18.05 -15.71
N ASP B 375 -23.06 -17.18 -16.31
CA ASP B 375 -24.16 -16.58 -15.55
C ASP B 375 -25.12 -17.65 -15.02
N LEU B 376 -25.28 -18.75 -15.74
CA LEU B 376 -26.08 -19.86 -15.24
C LEU B 376 -25.40 -20.53 -14.06
N ALA B 377 -24.08 -20.70 -14.12
CA ALA B 377 -23.36 -21.30 -13.00
C ALA B 377 -23.44 -20.42 -11.76
N ALA B 378 -23.30 -19.10 -11.93
CA ALA B 378 -23.45 -18.20 -10.80
C ALA B 378 -24.87 -18.23 -10.26
N GLU B 379 -25.85 -18.44 -11.14
CA GLU B 379 -27.24 -18.55 -10.68
C GLU B 379 -27.42 -19.75 -9.77
N ALA B 380 -26.76 -20.87 -10.09
CA ALA B 380 -26.85 -22.05 -9.24
C ALA B 380 -26.21 -21.81 -7.87
N VAL B 381 -25.15 -21.00 -7.82
CA VAL B 381 -24.53 -20.69 -6.53
C VAL B 381 -25.46 -19.84 -5.67
N VAL B 382 -26.14 -18.87 -6.30
CA VAL B 382 -27.09 -18.04 -5.56
C VAL B 382 -28.23 -18.89 -5.03
N LEU B 383 -28.67 -19.89 -5.80
CA LEU B 383 -29.76 -20.75 -5.37
C LEU B 383 -29.40 -21.53 -4.12
N HIS B 384 -28.22 -22.16 -4.10
N HIS B 384 -28.23 -22.17 -4.11
CA HIS B 384 -27.86 -23.00 -2.97
CA HIS B 384 -27.84 -23.01 -2.98
C HIS B 384 -27.51 -22.19 -1.73
C HIS B 384 -27.52 -22.19 -1.73
N TYR B 385 -27.00 -20.98 -1.90
CA TYR B 385 -26.54 -20.16 -0.79
C TYR B 385 -27.46 -18.99 -0.47
N THR B 386 -28.75 -19.14 -0.76
CA THR B 386 -29.75 -18.13 -0.41
C THR B 386 -30.77 -18.74 0.53
N ASP B 387 -30.98 -18.10 1.68
CA ASP B 387 -32.08 -18.43 2.57
C ASP B 387 -33.34 -17.79 2.00
N TRP B 388 -34.04 -18.53 1.15
CA TRP B 388 -35.21 -17.98 0.46
C TRP B 388 -36.35 -17.65 1.41
N LEU B 389 -36.23 -17.99 2.69
CA LEU B 389 -37.17 -17.49 3.69
C LEU B 389 -36.78 -16.11 4.20
N HIS B 390 -35.51 -15.74 4.07
CA HIS B 390 -35.03 -14.40 4.41
C HIS B 390 -34.03 -13.97 3.35
N PRO B 391 -34.49 -13.78 2.10
CA PRO B 391 -33.53 -13.56 1.00
C PRO B 391 -32.86 -12.21 1.02
N GLU B 392 -33.32 -11.27 1.85
CA GLU B 392 -32.76 -9.93 1.89
C GLU B 392 -32.11 -9.60 3.24
N ASP B 393 -31.99 -10.58 4.12
CA ASP B 393 -31.39 -10.35 5.44
C ASP B 393 -29.90 -10.09 5.27
N PRO B 394 -29.40 -8.89 5.63
CA PRO B 394 -27.97 -8.61 5.41
C PRO B 394 -27.04 -9.52 6.19
N ALA B 395 -27.41 -9.90 7.41
CA ALA B 395 -26.54 -10.76 8.20
C ALA B 395 -26.44 -12.15 7.59
N ARG B 396 -27.54 -12.66 7.02
CA ARG B 396 -27.49 -13.97 6.40
C ARG B 396 -26.78 -13.93 5.06
N LEU B 397 -26.92 -12.83 4.32
CA LEU B 397 -26.19 -12.68 3.07
C LEU B 397 -24.69 -12.54 3.31
N ARG B 398 -24.32 -11.90 4.42
CA ARG B 398 -22.90 -11.83 4.79
C ARG B 398 -22.36 -13.21 5.15
N GLU B 399 -23.14 -13.97 5.92
CA GLU B 399 -22.75 -15.33 6.30
C GLU B 399 -22.75 -16.27 5.10
N ALA B 400 -23.57 -15.99 4.09
CA ALA B 400 -23.64 -16.85 2.92
C ALA B 400 -22.44 -16.64 2.01
N LEU B 401 -22.05 -15.38 1.77
CA LEU B 401 -20.93 -15.12 0.89
C LEU B 401 -19.62 -15.62 1.50
N SER B 402 -19.50 -15.60 2.82
CA SER B 402 -18.34 -16.18 3.47
C SER B 402 -18.30 -17.69 3.25
N ASP B 403 -19.46 -18.34 3.29
CA ASP B 403 -19.52 -19.78 3.02
C ASP B 403 -19.25 -20.09 1.55
N VAL B 404 -19.65 -19.19 0.65
CA VAL B 404 -19.38 -19.40 -0.77
C VAL B 404 -17.89 -19.44 -1.02
N VAL B 405 -17.15 -18.43 -0.53
CA VAL B 405 -15.71 -18.38 -0.73
C VAL B 405 -15.04 -19.51 0.03
N GLY B 406 -15.52 -19.82 1.24
CA GLY B 406 -14.90 -20.85 2.04
C GLY B 406 -15.06 -22.24 1.45
N ASP B 407 -16.27 -22.55 0.97
CA ASP B 407 -16.53 -23.89 0.44
C ASP B 407 -15.85 -24.07 -0.93
N HIS B 408 -15.93 -23.06 -1.79
CA HIS B 408 -15.40 -23.19 -3.14
C HIS B 408 -13.88 -23.36 -3.14
N ASN B 409 -13.19 -22.70 -2.21
CA ASN B 409 -11.73 -22.67 -2.24
C ASN B 409 -11.07 -23.62 -1.25
N VAL B 410 -11.69 -23.88 -0.09
CA VAL B 410 -11.01 -24.64 0.95
C VAL B 410 -11.77 -25.91 1.31
N VAL B 411 -12.97 -25.74 1.87
CA VAL B 411 -13.65 -26.85 2.54
C VAL B 411 -13.92 -27.99 1.57
N CYS B 412 -14.47 -27.68 0.39
CA CYS B 412 -14.84 -28.73 -0.54
C CYS B 412 -13.64 -29.32 -1.28
N PRO B 413 -12.65 -28.51 -1.70
CA PRO B 413 -11.41 -29.13 -2.19
C PRO B 413 -10.74 -30.03 -1.16
N VAL B 414 -10.82 -29.68 0.13
CA VAL B 414 -10.22 -30.53 1.16
C VAL B 414 -11.03 -31.80 1.34
N ALA B 415 -12.36 -31.68 1.40
CA ALA B 415 -13.21 -32.84 1.59
C ALA B 415 -13.09 -33.80 0.41
N GLN B 416 -12.96 -33.26 -0.80
CA GLN B 416 -12.73 -34.11 -1.97
C GLN B 416 -11.43 -34.88 -1.84
N LEU B 417 -10.39 -34.23 -1.31
CA LEU B 417 -9.10 -34.90 -1.13
C LEU B 417 -9.17 -35.96 -0.04
N ALA B 418 -9.79 -35.64 1.09
CA ALA B 418 -9.87 -36.58 2.20
C ALA B 418 -10.71 -37.80 1.84
N GLY B 419 -11.73 -37.63 1.01
CA GLY B 419 -12.53 -38.77 0.59
C GLY B 419 -11.76 -39.73 -0.29
N ARG B 420 -11.03 -39.20 -1.27
CA ARG B 420 -10.26 -40.06 -2.17
C ARG B 420 -9.07 -40.70 -1.46
N LEU B 421 -8.45 -39.99 -0.52
CA LEU B 421 -7.32 -40.55 0.20
C LEU B 421 -7.75 -41.75 1.05
N ALA B 422 -8.82 -41.60 1.83
CA ALA B 422 -9.27 -42.68 2.68
C ALA B 422 -9.76 -43.88 1.85
N ALA B 423 -10.43 -43.60 0.74
CA ALA B 423 -10.96 -44.65 -0.12
C ALA B 423 -9.91 -45.25 -1.05
N GLN B 424 -8.63 -44.95 -0.85
CA GLN B 424 -7.58 -45.47 -1.72
C GLN B 424 -6.33 -45.88 -0.94
N GLY B 425 -6.49 -46.25 0.33
CA GLY B 425 -5.43 -46.86 1.10
C GLY B 425 -4.91 -46.02 2.25
N ALA B 426 -5.17 -44.72 2.25
CA ALA B 426 -4.64 -43.84 3.27
C ALA B 426 -5.57 -43.75 4.46
N ARG B 427 -4.98 -43.70 5.66
CA ARG B 427 -5.73 -43.52 6.90
C ARG B 427 -5.67 -42.03 7.25
N VAL B 428 -6.81 -41.35 7.13
CA VAL B 428 -6.86 -39.90 7.31
C VAL B 428 -7.70 -39.57 8.53
N TYR B 429 -7.37 -38.45 9.16
CA TYR B 429 -8.13 -37.91 10.29
C TYR B 429 -8.52 -36.47 9.95
N ALA B 430 -9.77 -36.12 10.26
CA ALA B 430 -10.32 -34.82 9.90
C ALA B 430 -10.72 -34.05 11.15
N TYR B 431 -10.58 -32.73 11.08
CA TYR B 431 -10.93 -31.84 12.18
C TYR B 431 -11.56 -30.57 11.64
N VAL B 432 -12.19 -29.82 12.52
CA VAL B 432 -12.69 -28.47 12.22
C VAL B 432 -12.37 -27.59 13.42
N PHE B 433 -11.50 -26.60 13.21
CA PHE B 433 -11.11 -25.69 14.28
C PHE B 433 -12.22 -24.67 14.50
N GLU B 434 -12.78 -24.62 15.71
CA GLU B 434 -13.94 -23.79 15.99
C GLU B 434 -13.74 -22.83 17.16
N HIS B 435 -12.51 -22.65 17.64
CA HIS B 435 -12.23 -21.75 18.74
C HIS B 435 -11.73 -20.41 18.22
N ARG B 436 -12.39 -19.34 18.61
CA ARG B 436 -11.95 -17.99 18.28
C ARG B 436 -11.05 -17.48 19.40
N ALA B 437 -9.82 -17.13 19.06
CA ALA B 437 -8.86 -16.69 20.07
C ALA B 437 -9.31 -15.38 20.71
N SER B 438 -9.02 -15.24 22.01
CA SER B 438 -9.40 -14.04 22.73
C SER B 438 -8.53 -12.84 22.35
N THR B 439 -7.39 -13.08 21.72
CA THR B 439 -6.50 -12.01 21.26
C THR B 439 -6.73 -11.64 19.80
N LEU B 440 -7.81 -12.12 19.20
CA LEU B 440 -8.05 -11.92 17.78
C LEU B 440 -8.45 -10.47 17.52
N SER B 441 -7.70 -9.79 16.66
CA SER B 441 -7.94 -8.38 16.37
C SER B 441 -8.91 -8.17 15.21
N TRP B 442 -9.31 -9.23 14.51
CA TRP B 442 -10.30 -9.09 13.45
C TRP B 442 -11.69 -8.92 14.04
N PRO B 443 -12.62 -8.34 13.29
CA PRO B 443 -13.97 -8.13 13.81
C PRO B 443 -14.66 -9.44 14.17
N LEU B 444 -15.73 -9.30 14.95
CA LEU B 444 -16.42 -10.48 15.49
C LEU B 444 -17.11 -11.28 14.39
N TRP B 445 -17.67 -10.59 13.38
CA TRP B 445 -18.44 -11.28 12.35
C TRP B 445 -17.58 -12.22 11.52
N MET B 446 -16.26 -12.06 11.54
CA MET B 446 -15.38 -12.97 10.80
C MET B 446 -15.26 -14.33 11.48
N GLY B 447 -15.61 -14.43 12.75
CA GLY B 447 -15.59 -15.73 13.41
C GLY B 447 -14.17 -16.22 13.61
N VAL B 448 -13.91 -17.43 13.15
CA VAL B 448 -12.58 -18.04 13.22
C VAL B 448 -11.96 -17.97 11.82
N PRO B 449 -11.17 -16.95 11.52
CA PRO B 449 -10.77 -16.72 10.13
C PRO B 449 -9.70 -17.71 9.67
N HIS B 450 -9.45 -17.66 8.36
CA HIS B 450 -8.46 -18.51 7.73
C HIS B 450 -7.07 -18.18 8.25
N GLY B 451 -6.43 -19.16 8.89
CA GLY B 451 -5.06 -19.03 9.33
C GLY B 451 -4.86 -18.78 10.80
N TYR B 452 -5.92 -18.79 11.61
CA TYR B 452 -5.82 -18.44 13.02
C TYR B 452 -5.97 -19.64 13.94
N GLU B 453 -5.57 -20.83 13.47
CA GLU B 453 -5.31 -21.96 14.34
C GLU B 453 -3.81 -22.21 14.52
N ILE B 454 -2.97 -21.52 13.75
CA ILE B 454 -1.53 -21.75 13.80
C ILE B 454 -0.95 -21.34 15.15
N GLU B 455 -1.51 -20.32 15.78
CA GLU B 455 -1.03 -19.89 17.09
C GLU B 455 -1.09 -21.02 18.11
N PHE B 456 -2.18 -21.79 18.09
CA PHE B 456 -2.36 -22.84 19.09
C PHE B 456 -1.59 -24.11 18.74
N ILE B 457 -1.35 -24.36 17.45
CA ILE B 457 -0.57 -25.53 17.06
C ILE B 457 0.89 -25.36 17.49
N PHE B 458 1.42 -24.15 17.42
CA PHE B 458 2.79 -23.86 17.78
C PHE B 458 2.95 -23.50 19.25
N GLY B 459 1.89 -23.58 20.05
CA GLY B 459 1.99 -23.26 21.46
C GLY B 459 2.24 -21.81 21.77
N ILE B 460 1.86 -20.91 20.86
CA ILE B 460 2.05 -19.48 21.10
C ILE B 460 1.36 -19.00 22.38
N PRO B 461 0.17 -19.50 22.76
CA PRO B 461 -0.41 -19.04 24.04
C PRO B 461 0.48 -19.27 25.25
N LEU B 462 1.48 -20.14 25.17
CA LEU B 462 2.37 -20.37 26.31
C LEU B 462 3.37 -19.24 26.50
N ASP B 463 3.45 -18.29 25.57
CA ASP B 463 4.36 -17.16 25.70
C ASP B 463 3.89 -16.26 26.84
N PRO B 464 4.70 -16.03 27.87
CA PRO B 464 4.23 -15.19 28.99
C PRO B 464 3.95 -13.76 28.61
N SER B 465 4.59 -13.25 27.55
CA SER B 465 4.39 -11.87 27.13
C SER B 465 3.09 -11.64 26.37
N ARG B 466 2.23 -12.66 26.28
CA ARG B 466 0.98 -12.57 25.55
C ARG B 466 -0.20 -12.76 26.49
N ASN B 467 -1.29 -12.07 26.20
CA ASN B 467 -2.45 -12.03 27.08
C ASN B 467 -3.46 -13.12 26.76
N TYR B 468 -2.99 -14.35 26.64
CA TYR B 468 -3.89 -15.48 26.45
C TYR B 468 -4.47 -15.92 27.80
N THR B 469 -5.58 -16.66 27.73
CA THR B 469 -6.24 -17.14 28.93
C THR B 469 -5.68 -18.50 29.33
N ALA B 470 -5.94 -18.89 30.58
CA ALA B 470 -5.44 -20.16 31.09
C ALA B 470 -6.08 -21.34 30.37
N GLU B 471 -7.33 -21.20 29.95
CA GLU B 471 -7.98 -22.27 29.20
C GLU B 471 -7.33 -22.46 27.83
N GLU B 472 -6.96 -21.35 27.18
CA GLU B 472 -6.35 -21.44 25.85
C GLU B 472 -4.95 -22.03 25.91
N LYS B 473 -4.25 -21.85 27.03
CA LYS B 473 -2.95 -22.49 27.19
C LYS B 473 -3.08 -24.01 27.27
N ILE B 474 -4.06 -24.49 28.03
CA ILE B 474 -4.32 -25.92 28.09
C ILE B 474 -4.81 -26.43 26.74
N PHE B 475 -5.62 -25.61 26.04
CA PHE B 475 -6.10 -25.99 24.72
C PHE B 475 -4.95 -26.11 23.73
N ALA B 476 -3.94 -25.25 23.88
CA ALA B 476 -2.78 -25.33 22.99
C ALA B 476 -1.97 -26.60 23.24
N GLN B 477 -1.83 -27.00 24.50
CA GLN B 477 -1.08 -28.21 24.82
C GLN B 477 -1.80 -29.47 24.33
N ARG B 478 -3.13 -29.45 24.30
CA ARG B 478 -3.87 -30.55 23.70
C ARG B 478 -3.55 -30.70 22.22
N LEU B 479 -3.62 -29.58 21.48
CA LEU B 479 -3.36 -29.62 20.05
C LEU B 479 -1.92 -30.00 19.74
N MET B 480 -0.97 -29.49 20.54
CA MET B 480 0.42 -29.89 20.35
C MET B 480 0.61 -31.38 20.60
N ARG B 481 -0.15 -31.93 21.56
CA ARG B 481 -0.11 -33.37 21.79
C ARG B 481 -0.72 -34.14 20.62
N TYR B 482 -1.82 -33.63 20.07
CA TYR B 482 -2.42 -34.27 18.89
C TYR B 482 -1.46 -34.31 17.73
N TRP B 483 -0.87 -33.16 17.39
CA TRP B 483 0.05 -33.09 16.25
C TRP B 483 1.30 -33.94 16.49
N ALA B 484 1.78 -33.96 17.73
CA ALA B 484 2.98 -34.75 18.04
C ALA B 484 2.67 -36.25 17.96
N ASN B 485 1.54 -36.68 18.52
CA ASN B 485 1.16 -38.08 18.46
C ASN B 485 1.00 -38.55 17.02
N PHE B 486 0.47 -37.68 16.16
CA PHE B 486 0.38 -38.03 14.74
C PHE B 486 1.76 -38.15 14.11
N ALA B 487 2.70 -37.30 14.52
CA ALA B 487 4.05 -37.36 13.98
C ALA B 487 4.81 -38.58 14.49
N ARG B 488 4.49 -39.04 15.71
CA ARG B 488 5.21 -40.18 16.29
C ARG B 488 4.65 -41.51 15.80
N THR B 489 3.33 -41.69 15.94
CA THR B 489 2.72 -42.99 15.67
C THR B 489 1.74 -42.98 14.50
N GLY B 490 1.58 -41.86 13.80
CA GLY B 490 0.59 -41.79 12.75
C GLY B 490 -0.84 -41.77 13.22
N ASP B 491 -1.06 -41.58 14.52
CA ASP B 491 -2.39 -41.59 15.13
C ASP B 491 -2.48 -40.47 16.16
N PRO B 492 -3.39 -39.50 15.98
CA PRO B 492 -3.47 -38.39 16.95
C PRO B 492 -3.93 -38.82 18.33
N ASN B 493 -4.56 -39.98 18.46
CA ASN B 493 -5.00 -40.44 19.78
C ASN B 493 -3.82 -40.90 20.61
N GLU B 494 -3.88 -40.62 21.90
CA GLU B 494 -2.81 -41.04 22.81
C GLU B 494 -2.78 -42.56 22.89
N PRO B 495 -1.62 -43.20 22.65
CA PRO B 495 -1.59 -44.66 22.65
C PRO B 495 -1.85 -45.27 24.03
N ARG B 496 -1.46 -44.58 25.10
CA ARG B 496 -1.68 -45.07 26.46
C ARG B 496 -2.85 -44.37 27.13
N ASP B 497 -3.98 -44.27 26.43
CA ASP B 497 -5.12 -43.54 26.98
C ASP B 497 -6.44 -43.99 26.37
N PRO B 498 -7.22 -44.80 27.10
CA PRO B 498 -8.61 -45.06 26.70
C PRO B 498 -9.63 -44.15 27.36
N LYS B 499 -9.19 -43.23 28.21
CA LYS B 499 -10.09 -42.35 28.96
C LYS B 499 -10.54 -41.14 28.16
N ALA B 500 -9.62 -40.51 27.43
CA ALA B 500 -9.95 -39.35 26.64
C ALA B 500 -10.84 -39.73 25.46
N PRO B 501 -11.68 -38.81 24.98
CA PRO B 501 -12.51 -39.10 23.81
C PRO B 501 -11.66 -39.45 22.60
N GLN B 502 -12.12 -40.47 21.86
CA GLN B 502 -11.35 -41.00 20.75
C GLN B 502 -11.59 -40.18 19.48
N TRP B 503 -10.54 -40.08 18.66
CA TRP B 503 -10.61 -39.40 17.37
C TRP B 503 -10.73 -40.44 16.28
N PRO B 504 -11.93 -40.71 15.77
CA PRO B 504 -12.10 -41.78 14.78
C PRO B 504 -11.56 -41.37 13.42
N PRO B 505 -11.03 -42.31 12.65
CA PRO B 505 -10.53 -41.97 11.31
C PRO B 505 -11.68 -41.53 10.40
N TYR B 506 -11.29 -40.80 9.35
CA TYR B 506 -12.24 -40.32 8.36
C TYR B 506 -12.31 -41.31 7.20
N THR B 507 -13.52 -41.72 6.84
CA THR B 507 -13.76 -42.64 5.74
C THR B 507 -14.71 -42.01 4.74
N ALA B 508 -14.71 -42.56 3.52
CA ALA B 508 -15.57 -42.03 2.46
C ALA B 508 -17.05 -42.25 2.77
N GLY B 509 -17.38 -43.23 3.61
CA GLY B 509 -18.76 -43.52 3.93
C GLY B 509 -19.26 -42.81 5.16
N ALA B 510 -18.61 -43.05 6.30
CA ALA B 510 -19.06 -42.43 7.55
C ALA B 510 -18.74 -40.94 7.58
N GLN B 511 -17.58 -40.56 7.04
CA GLN B 511 -17.18 -39.15 6.94
C GLN B 511 -17.17 -38.48 8.31
N GLN B 512 -16.51 -39.12 9.27
CA GLN B 512 -16.46 -38.65 10.64
C GLN B 512 -15.28 -37.69 10.85
N TYR B 513 -15.50 -36.67 11.67
CA TYR B 513 -14.47 -35.72 12.03
C TYR B 513 -14.74 -35.23 13.45
N VAL B 514 -13.80 -34.47 13.98
CA VAL B 514 -13.92 -33.94 15.34
C VAL B 514 -13.86 -32.41 15.28
N SER B 515 -14.38 -31.79 16.33
CA SER B 515 -14.35 -30.34 16.48
C SER B 515 -13.31 -29.98 17.54
N LEU B 516 -12.47 -29.01 17.22
CA LEU B 516 -11.39 -28.58 18.11
C LEU B 516 -11.76 -27.24 18.72
N ASP B 517 -12.01 -27.23 20.02
CA ASP B 517 -12.25 -26.00 20.77
C ASP B 517 -12.01 -26.30 22.26
N LEU B 518 -12.45 -25.39 23.12
CA LEU B 518 -12.21 -25.55 24.55
C LEU B 518 -12.97 -26.74 25.13
N ARG B 519 -14.04 -27.17 24.48
CA ARG B 519 -14.76 -28.36 24.91
C ARG B 519 -13.99 -29.62 24.52
N PRO B 520 -14.26 -30.75 25.16
CA PRO B 520 -13.63 -32.01 24.74
C PRO B 520 -14.01 -32.37 23.32
N LEU B 521 -13.34 -33.40 22.79
CA LEU B 521 -13.55 -33.81 21.41
C LEU B 521 -15.00 -34.25 21.19
N GLU B 522 -15.59 -33.77 20.09
CA GLU B 522 -16.95 -34.12 19.71
C GLU B 522 -16.93 -34.63 18.28
N VAL B 523 -17.42 -35.85 18.09
CA VAL B 523 -17.41 -36.47 16.77
C VAL B 523 -18.64 -36.03 15.99
N ARG B 524 -18.43 -35.55 14.77
CA ARG B 524 -19.51 -35.17 13.87
C ARG B 524 -19.31 -35.88 12.54
N ARG B 525 -20.33 -35.81 11.68
CA ARG B 525 -20.29 -36.45 10.38
C ARG B 525 -20.65 -35.44 9.30
N GLY B 526 -19.98 -35.57 8.14
CA GLY B 526 -20.25 -34.70 7.02
C GLY B 526 -19.45 -33.42 7.03
N LEU B 527 -18.49 -33.31 6.10
CA LEU B 527 -17.69 -32.09 5.96
C LEU B 527 -18.38 -31.15 4.97
N ARG B 528 -19.52 -30.63 5.42
CA ARG B 528 -20.43 -29.85 4.59
C ARG B 528 -20.78 -30.62 3.31
N ALA B 529 -21.34 -31.81 3.53
CA ALA B 529 -21.59 -32.72 2.42
C ALA B 529 -22.62 -32.18 1.45
N GLN B 530 -23.66 -31.50 1.97
CA GLN B 530 -24.70 -30.97 1.09
C GLN B 530 -24.16 -29.85 0.21
N ALA B 531 -23.35 -28.95 0.79
CA ALA B 531 -22.81 -27.85 0.00
C ALA B 531 -21.73 -28.33 -0.96
N CYS B 532 -20.90 -29.27 -0.52
CA CYS B 532 -19.79 -29.73 -1.35
C CYS B 532 -20.23 -30.69 -2.45
N ALA B 533 -21.42 -31.30 -2.32
CA ALA B 533 -21.96 -32.06 -3.44
C ALA B 533 -22.24 -31.16 -4.63
N PHE B 534 -22.61 -29.90 -4.37
CA PHE B 534 -22.81 -28.95 -5.45
C PHE B 534 -21.49 -28.58 -6.11
N TRP B 535 -20.44 -28.35 -5.31
CA TRP B 535 -19.17 -27.91 -5.87
C TRP B 535 -18.41 -29.05 -6.54
N ASN B 536 -18.40 -30.24 -5.92
CA ASN B 536 -17.58 -31.34 -6.39
C ASN B 536 -18.28 -32.22 -7.43
N ARG B 537 -19.61 -32.16 -7.52
CA ARG B 537 -20.35 -33.04 -8.41
C ARG B 537 -21.13 -32.28 -9.47
N PHE B 538 -22.03 -31.38 -9.06
CA PHE B 538 -22.95 -30.78 -10.03
C PHE B 538 -22.30 -29.67 -10.84
N LEU B 539 -21.55 -28.78 -10.19
CA LEU B 539 -20.97 -27.64 -10.90
C LEU B 539 -20.04 -28.03 -12.04
N PRO B 540 -19.18 -29.07 -11.94
CA PRO B 540 -18.41 -29.48 -13.11
C PRO B 540 -19.28 -29.86 -14.31
N LYS B 541 -20.37 -30.60 -14.08
CA LYS B 541 -21.26 -30.95 -15.17
C LYS B 541 -21.97 -29.72 -15.73
N LEU B 542 -22.28 -28.75 -14.87
CA LEU B 542 -22.97 -27.55 -15.34
C LEU B 542 -22.09 -26.72 -16.25
N LEU B 543 -20.77 -26.68 -16.00
CA LEU B 543 -19.85 -25.97 -16.86
C LEU B 543 -19.51 -26.73 -18.13
N SER B 544 -19.62 -28.06 -18.11
CA SER B 544 -19.37 -28.84 -19.32
C SER B 544 -20.41 -28.56 -20.40
N ALA B 545 -21.67 -28.41 -20.01
CA ALA B 545 -22.74 -28.04 -20.93
C ALA B 545 -22.83 -26.53 -21.15
N THR B 546 -21.88 -25.77 -20.58
CA THR B 546 -21.84 -24.31 -20.72
C THR B 546 -23.14 -23.66 -20.27
#